data_4YPG
#
_entry.id   4YPG
#
_cell.length_a   134.820
_cell.length_b   153.260
_cell.length_c   163.490
_cell.angle_alpha   90.00
_cell.angle_beta   90.00
_cell.angle_gamma   90.00
#
_symmetry.space_group_name_H-M   'I 2 2 2'
#
loop_
_entity.id
_entity.type
_entity.pdbx_description
1 polymer 'Sifalimumab light chain'
2 polymer 'Sifalimumab heavy chain'
3 polymer 'Interferon alpha-2'
4 non-polymer 'NICKEL (II) ION'
5 water water
#
loop_
_entity_poly.entity_id
_entity_poly.type
_entity_poly.pdbx_seq_one_letter_code
_entity_poly.pdbx_strand_id
1 'polypeptide(L)'
;EIVLTQSPGTLSLSPGERATLSCRASQSVSSTYLAWYQQKPGQAPRLLIYGASSRATGIPDRFSGSGSGTDFTLTISRLE
PEDFAVYYCQQYGSSPRTFGQGTKVEIKRTVAAPSVFIFPPSDEQLKSGTASVVCLLNNFYPREAKVQWKVDNALQSGNS
QESVTEQDSKDSTYSLSSTLTLSKADYEKHKVYACEVTHQGLSSPVTKSFNRGEC
;
A,L
2 'polypeptide(L)'
;QVQLVQSGAEVKKPGASVKVSCKASGYTFTSYSISWVRQAPGQGLEWMGWISVYNGNTNYAQKFQGRVTMTTDTSTSTAY
LELRSLRSDDTAVYYCARDPIAAGYWGQGTLVTVSSASTKGPSVFPLAPSSKSTSGGTAALGCLVKDYFPEPVTVSWNSG
ALTSGVHTFPAVLQSSGLYSLSSVVTVPSSSLGTQTYICNVNHKPSNTKVDKKVEPKSC
;
B,H
3 'polypeptide(L)'
;TSCDLPQTHSLGSRRTLMLLAQMRKISLFSCLKDRHDFGFPQEEFGNQFQKAETIPVLHEMIQQIFNLFSTKDSSAAWDE
TLLDKFYTELYQQLNDLEACVIQGVGVTETPLMKEDSILAVRKYFQRITLYLKEKKYSPCAWEVVRAEIMRSFSLSTNLQ
E
;
C,D
#
loop_
_chem_comp.id
_chem_comp.type
_chem_comp.name
_chem_comp.formula
NI non-polymer 'NICKEL (II) ION' 'Ni 2'
#
# COMPACT_ATOMS: atom_id res chain seq x y z
N GLU A 1 29.14 28.24 -11.85
CA GLU A 1 28.14 29.29 -11.92
C GLU A 1 27.55 29.49 -10.53
N ILE A 2 27.72 28.49 -9.70
CA ILE A 2 27.20 28.40 -8.36
C ILE A 2 25.69 28.29 -8.35
N VAL A 3 25.32 27.00 -8.47
CA VAL A 3 23.95 26.46 -8.49
C VAL A 3 23.44 26.07 -7.12
N LEU A 4 22.54 26.90 -6.56
CA LEU A 4 21.92 26.65 -5.24
C LEU A 4 20.73 25.68 -5.39
N THR A 5 20.81 24.54 -4.73
CA THR A 5 19.75 23.54 -4.83
C THR A 5 19.05 23.49 -3.48
N GLN A 6 17.79 23.91 -3.45
CA GLN A 6 17.01 23.95 -2.22
C GLN A 6 16.28 22.66 -1.95
N SER A 7 15.99 22.42 -0.68
CA SER A 7 15.40 21.17 -0.24
C SER A 7 14.69 21.37 1.10
N PRO A 8 13.49 20.80 1.26
CA PRO A 8 12.76 20.00 0.28
C PRO A 8 12.07 20.93 -0.70
N GLY A 9 11.47 20.36 -1.74
CA GLY A 9 10.71 21.13 -2.71
C GLY A 9 9.46 21.68 -2.07
N THR A 10 8.77 20.84 -1.30
CA THR A 10 7.63 21.29 -0.51
C THR A 10 7.72 20.73 0.91
N LEU A 11 7.59 21.63 1.89
CA LEU A 11 7.55 21.24 3.29
C LEU A 11 6.11 21.39 3.75
N SER A 12 5.55 20.34 4.34
CA SER A 12 4.17 20.39 4.82
C SER A 12 4.11 20.22 6.33
N LEU A 13 3.95 21.34 7.03
CA LEU A 13 3.89 21.38 8.50
C LEU A 13 2.65 22.14 8.96
N SER A 14 2.17 21.81 10.16
CA SER A 14 1.02 22.52 10.73
C SER A 14 1.55 23.60 11.66
N PRO A 15 0.80 24.72 11.79
CA PRO A 15 1.25 25.86 12.55
C PRO A 15 1.69 25.46 13.94
N GLY A 16 2.75 26.07 14.44
CA GLY A 16 3.33 25.69 15.72
C GLY A 16 4.54 24.79 15.52
N GLU A 17 4.55 24.01 14.44
CA GLU A 17 5.69 23.14 14.11
C GLU A 17 6.93 23.92 13.67
N ARG A 18 8.02 23.19 13.47
CA ARG A 18 9.33 23.77 13.17
C ARG A 18 9.72 23.49 11.72
N ALA A 19 9.99 24.55 10.96
CA ALA A 19 10.43 24.39 9.59
C ALA A 19 11.94 24.34 9.55
N THR A 20 12.51 23.57 8.62
CA THR A 20 13.95 23.60 8.36
C THR A 20 14.24 23.57 6.87
N LEU A 21 14.36 24.75 6.27
CA LEU A 21 14.71 24.84 4.85
C LEU A 21 16.22 24.67 4.66
N SER A 22 16.59 24.01 3.58
CA SER A 22 17.98 23.77 3.27
C SER A 22 18.32 24.44 1.96
N CYS A 23 19.55 24.96 1.88
CA CYS A 23 20.06 25.50 0.64
C CYS A 23 21.49 25.00 0.45
N ARG A 24 21.83 24.56 -0.76
CA ARG A 24 23.12 23.93 -1.01
C ARG A 24 23.80 24.38 -2.28
N ALA A 25 25.00 24.95 -2.13
CA ALA A 25 25.69 25.59 -3.24
C ALA A 25 26.53 24.56 -3.94
N SER A 26 26.58 24.65 -5.27
CA SER A 26 27.43 23.75 -6.05
C SER A 26 28.89 23.89 -5.63
N GLN A 27 29.25 25.04 -5.06
CA GLN A 27 30.55 25.20 -4.43
C GLN A 27 30.42 26.13 -3.23
N SER A 28 31.51 26.33 -2.52
CA SER A 28 31.47 27.10 -1.30
C SER A 28 31.18 28.56 -1.58
N VAL A 29 30.38 29.13 -0.69
CA VAL A 29 30.08 30.55 -0.66
C VAL A 29 30.43 31.08 0.73
N SER A 30 31.02 32.29 0.80
CA SER A 30 31.22 32.91 2.10
C SER A 30 29.84 33.19 2.66
N SER A 31 29.61 32.77 3.89
CA SER A 31 28.33 33.00 4.55
C SER A 31 27.86 34.46 4.47
N THR A 32 28.79 35.39 4.31
CA THR A 32 28.45 36.82 4.28
C THR A 32 27.67 37.17 3.04
N TYR A 33 27.80 36.37 1.99
CA TYR A 33 27.07 36.62 0.76
C TYR A 33 25.96 35.58 0.52
N LEU A 34 25.19 35.25 1.56
CA LEU A 34 24.03 34.39 1.39
C LEU A 34 22.81 35.01 2.04
N ALA A 35 21.70 35.07 1.31
CA ALA A 35 20.46 35.65 1.81
C ALA A 35 19.29 34.68 1.65
N TRP A 36 18.16 35.06 2.24
CA TRP A 36 16.93 34.28 2.14
C TRP A 36 15.73 35.21 1.91
N TYR A 37 14.84 34.80 1.02
CA TYR A 37 13.63 35.57 0.75
C TYR A 37 12.40 34.74 0.95
N GLN A 38 11.30 35.45 1.17
CA GLN A 38 10.00 34.84 1.29
C GLN A 38 9.06 35.55 0.33
N GLN A 39 8.42 34.77 -0.54
CA GLN A 39 7.50 35.31 -1.55
C GLN A 39 6.13 34.70 -1.36
N LYS A 40 5.11 35.54 -1.48
CA LYS A 40 3.74 35.08 -1.46
C LYS A 40 3.14 35.46 -2.81
N PRO A 41 2.06 34.76 -3.20
CA PRO A 41 1.40 34.97 -4.48
C PRO A 41 1.19 36.43 -4.82
N GLY A 42 1.58 36.81 -6.04
CA GLY A 42 1.33 38.15 -6.56
C GLY A 42 2.11 39.24 -5.84
N GLN A 43 3.30 38.89 -5.36
CA GLN A 43 4.13 39.82 -4.59
C GLN A 43 5.61 39.68 -4.95
N ALA A 44 6.36 40.76 -4.76
CA ALA A 44 7.81 40.69 -4.92
C ALA A 44 8.38 39.85 -3.77
N PRO A 45 9.54 39.23 -4.00
CA PRO A 45 10.34 38.65 -2.92
C PRO A 45 10.49 39.60 -1.74
N ARG A 46 10.78 39.05 -0.58
CA ARG A 46 10.94 39.84 0.64
C ARG A 46 12.08 39.28 1.45
N LEU A 47 13.07 40.12 1.71
CA LEU A 47 14.29 39.71 2.38
C LEU A 47 13.96 39.33 3.81
N LEU A 48 14.36 38.11 4.17
CA LEU A 48 14.22 37.58 5.51
C LEU A 48 15.52 37.73 6.27
N ILE A 49 16.58 37.24 5.61
CA ILE A 49 17.88 37.11 6.25
C ILE A 49 19.02 37.47 5.32
N TYR A 50 19.92 38.31 5.81
CA TYR A 50 21.07 38.63 4.98
C TYR A 50 22.35 37.99 5.57
N GLY A 51 23.46 38.20 4.92
CA GLY A 51 24.72 37.70 5.44
C GLY A 51 24.64 36.35 6.18
N ALA A 52 23.58 35.60 5.87
CA ALA A 52 23.43 34.26 6.44
C ALA A 52 22.82 34.13 7.81
N SER A 53 22.58 35.18 8.52
CA SER A 53 21.92 34.85 9.78
C SER A 53 21.01 35.99 10.14
N SER A 54 21.57 37.16 9.95
CA SER A 54 20.95 38.42 10.28
C SER A 54 19.54 38.65 9.76
N ARG A 55 18.63 38.93 10.66
CA ARG A 55 17.25 39.21 10.27
C ARG A 55 17.04 40.61 9.77
N ALA A 56 16.36 40.74 8.63
CA ALA A 56 15.96 42.04 8.10
C ALA A 56 15.08 42.77 9.11
N THR A 57 14.85 44.07 8.92
CA THR A 57 13.92 44.76 9.80
C THR A 57 12.54 44.16 9.62
N GLY A 58 11.74 44.21 10.68
CA GLY A 58 10.39 43.69 10.62
C GLY A 58 10.31 42.17 10.66
N ILE A 59 11.39 41.47 10.31
CA ILE A 59 11.36 40.01 10.34
C ILE A 59 11.45 39.56 11.82
N PRO A 60 10.46 38.77 12.29
CA PRO A 60 10.41 38.34 13.69
C PRO A 60 11.44 37.29 14.16
N ASP A 61 11.60 37.23 15.48
CA ASP A 61 12.67 36.44 16.14
C ASP A 61 12.62 34.95 15.82
N ARG A 62 11.45 34.44 15.51
CA ARG A 62 11.29 33.01 15.20
C ARG A 62 12.07 32.58 13.97
N PHE A 63 12.44 33.55 13.12
CA PHE A 63 13.27 33.29 11.94
C PHE A 63 14.73 33.29 12.29
N SER A 64 15.44 32.21 11.96
CA SER A 64 16.87 32.16 12.14
C SER A 64 17.50 31.55 10.91
N GLY A 65 18.79 31.80 10.74
CA GLY A 65 19.54 31.23 9.63
C GLY A 65 20.94 30.88 10.05
N SER A 66 21.50 29.84 9.44
CA SER A 66 22.87 29.41 9.69
C SER A 66 23.48 28.83 8.42
N GLY A 67 24.72 28.37 8.52
CA GLY A 67 25.39 27.70 7.40
C GLY A 67 26.72 28.30 6.96
N SER A 68 27.48 27.50 6.24
CA SER A 68 28.76 27.92 5.66
C SER A 68 29.18 26.91 4.61
N GLY A 69 30.35 27.09 4.01
CA GLY A 69 30.79 26.21 2.92
C GLY A 69 29.72 26.09 1.85
N THR A 70 29.16 24.89 1.71
CA THR A 70 28.14 24.64 0.71
C THR A 70 26.73 24.50 1.29
N ASP A 71 26.61 24.43 2.61
CA ASP A 71 25.31 24.12 3.23
C ASP A 71 24.79 25.25 4.09
N PHE A 72 23.50 25.56 3.96
CA PHE A 72 22.88 26.67 4.66
C PHE A 72 21.45 26.37 5.03
N THR A 73 20.99 26.87 6.18
CA THR A 73 19.67 26.53 6.67
C THR A 73 18.89 27.71 7.25
N LEU A 74 17.64 27.83 6.82
CA LEU A 74 16.68 28.72 7.43
C LEU A 74 15.81 27.85 8.32
N THR A 75 15.52 28.36 9.51
CA THR A 75 14.74 27.66 10.51
C THR A 75 13.62 28.56 10.98
N ILE A 76 12.36 28.15 10.82
CA ILE A 76 11.26 28.92 11.44
C ILE A 76 10.86 28.20 12.70
N SER A 77 11.21 28.77 13.85
CA SER A 77 11.12 28.04 15.10
C SER A 77 9.68 27.60 15.36
N ARG A 78 8.73 28.50 15.21
CA ARG A 78 7.33 28.20 15.52
C ARG A 78 6.43 28.78 14.44
N LEU A 79 6.07 27.95 13.46
CA LEU A 79 5.34 28.42 12.27
C LEU A 79 4.01 29.08 12.60
N GLU A 80 3.85 30.34 12.19
CA GLU A 80 2.57 31.04 12.26
C GLU A 80 1.89 30.89 10.89
N PRO A 81 0.57 31.17 10.79
CA PRO A 81 -0.08 31.07 9.48
C PRO A 81 0.47 32.11 8.49
N GLU A 82 0.80 33.29 9.00
CA GLU A 82 1.51 34.32 8.24
C GLU A 82 2.62 33.76 7.34
N ASP A 83 3.33 32.73 7.83
CA ASP A 83 4.61 32.28 7.26
C ASP A 83 4.54 31.31 6.10
N PHE A 84 3.39 30.70 5.86
CA PHE A 84 3.33 29.72 4.81
C PHE A 84 3.45 30.41 3.48
N ALA A 85 4.58 30.18 2.83
CA ALA A 85 4.97 30.88 1.61
C ALA A 85 6.10 30.11 0.92
N VAL A 86 6.50 30.57 -0.25
CA VAL A 86 7.66 30.01 -0.92
C VAL A 86 8.88 30.75 -0.40
N TYR A 87 9.96 30.02 -0.19
CA TYR A 87 11.19 30.59 0.34
C TYR A 87 12.35 30.32 -0.60
N TYR A 88 13.13 31.37 -0.89
CA TYR A 88 14.32 31.26 -1.75
C TYR A 88 15.58 31.64 -1.00
N CYS A 89 16.69 30.97 -1.31
CA CYS A 89 18.02 31.45 -0.86
C CYS A 89 18.71 32.13 -2.04
N GLN A 90 19.61 33.06 -1.75
CA GLN A 90 20.41 33.72 -2.80
C GLN A 90 21.87 33.87 -2.37
N GLN A 91 22.80 33.59 -3.28
CA GLN A 91 24.21 33.92 -3.07
C GLN A 91 24.46 35.20 -3.82
N TYR A 92 25.37 36.03 -3.30
CA TYR A 92 25.71 37.29 -3.97
C TYR A 92 27.16 37.70 -3.76
N GLY A 93 28.06 36.72 -3.76
CA GLY A 93 29.49 37.00 -3.73
C GLY A 93 30.19 36.77 -5.05
N SER A 94 29.43 36.59 -6.13
CA SER A 94 30.03 36.23 -7.39
C SER A 94 29.15 36.55 -8.61
N SER A 95 29.73 36.28 -9.78
CA SER A 95 29.48 36.95 -11.06
C SER A 95 28.09 37.02 -11.65
N PRO A 96 27.43 35.85 -11.88
CA PRO A 96 25.98 35.92 -11.85
C PRO A 96 25.51 35.58 -10.44
N ARG A 97 24.75 36.49 -9.85
CA ARG A 97 24.00 36.16 -8.64
C ARG A 97 22.97 35.05 -8.95
N THR A 98 22.81 34.10 -8.04
CA THR A 98 21.93 32.97 -8.30
C THR A 98 20.98 32.73 -7.13
N PHE A 99 19.81 32.16 -7.43
CA PHE A 99 18.82 31.82 -6.39
C PHE A 99 18.59 30.31 -6.34
N GLY A 100 18.11 29.81 -5.20
CA GLY A 100 17.63 28.43 -5.13
C GLY A 100 16.31 28.31 -5.84
N GLN A 101 15.90 27.09 -6.19
CA GLN A 101 14.65 26.93 -6.95
C GLN A 101 13.43 27.04 -6.04
N GLY A 102 13.66 27.19 -4.74
CA GLY A 102 12.61 27.52 -3.78
C GLY A 102 11.95 26.33 -3.13
N THR A 103 11.46 26.55 -1.91
CA THR A 103 10.72 25.54 -1.14
C THR A 103 9.36 26.10 -0.78
N LYS A 104 8.28 25.44 -1.21
CA LYS A 104 6.94 25.81 -0.71
C LYS A 104 6.73 25.24 0.68
N VAL A 105 6.44 26.12 1.63
CA VAL A 105 6.00 25.71 2.94
C VAL A 105 4.48 25.87 2.95
N GLU A 106 3.77 24.74 2.93
CA GLU A 106 2.33 24.78 2.87
C GLU A 106 1.74 24.16 4.13
N ILE A 107 0.56 24.66 4.52
CA ILE A 107 -0.10 24.20 5.74
C ILE A 107 -0.51 22.74 5.62
N LYS A 108 -0.04 21.93 6.57
CA LYS A 108 -0.53 20.56 6.68
C LYS A 108 -1.76 20.53 7.56
N ARG A 109 -2.77 19.84 7.10
CA ARG A 109 -4.00 19.73 7.84
C ARG A 109 -4.55 18.33 7.59
N THR A 110 -5.64 17.98 8.27
CA THR A 110 -6.18 16.63 8.17
C THR A 110 -6.53 16.29 6.73
N VAL A 111 -6.48 15.01 6.39
CA VAL A 111 -6.72 14.61 5.01
C VAL A 111 -8.18 14.86 4.74
N ALA A 112 -8.48 15.39 3.55
CA ALA A 112 -9.85 15.75 3.18
C ALA A 112 -10.19 15.27 1.77
N ALA A 113 -11.18 14.38 1.67
CA ALA A 113 -11.59 13.83 0.38
C ALA A 113 -12.24 14.93 -0.47
N PRO A 114 -12.02 14.90 -1.80
CA PRO A 114 -12.66 15.88 -2.69
C PRO A 114 -14.12 15.58 -3.02
N SER A 115 -14.89 16.65 -3.24
CA SER A 115 -16.20 16.56 -3.84
C SER A 115 -16.07 16.74 -5.34
N VAL A 116 -16.49 15.73 -6.10
CA VAL A 116 -16.25 15.71 -7.55
C VAL A 116 -17.53 16.05 -8.32
N PHE A 117 -17.44 17.00 -9.24
CA PHE A 117 -18.56 17.33 -10.13
C PHE A 117 -18.08 17.32 -11.58
N ILE A 118 -18.98 16.94 -12.48
CA ILE A 118 -18.74 17.00 -13.93
C ILE A 118 -19.81 17.88 -14.58
N PHE A 119 -19.41 18.59 -15.63
CA PHE A 119 -20.29 19.50 -16.37
C PHE A 119 -20.18 19.17 -17.84
N PRO A 120 -21.31 18.98 -18.52
CA PRO A 120 -21.24 18.67 -19.95
C PRO A 120 -20.86 19.93 -20.75
N PRO A 121 -20.68 19.79 -22.07
CA PRO A 121 -20.48 20.99 -22.88
C PRO A 121 -21.77 21.80 -22.94
N SER A 122 -21.70 23.01 -23.47
CA SER A 122 -22.91 23.79 -23.71
C SER A 122 -23.24 23.76 -25.20
N ASP A 123 -24.52 23.91 -25.52
CA ASP A 123 -24.96 23.96 -26.92
C ASP A 123 -24.20 25.03 -27.70
N GLU A 124 -24.01 26.20 -27.09
CA GLU A 124 -23.30 27.33 -27.72
C GLU A 124 -21.91 26.91 -28.22
N GLN A 125 -21.17 26.17 -27.40
CA GLN A 125 -19.85 25.69 -27.80
C GLN A 125 -19.99 24.62 -28.87
N LEU A 126 -20.96 23.73 -28.69
CA LEU A 126 -21.18 22.64 -29.64
C LEU A 126 -21.46 23.19 -31.03
N LYS A 127 -22.37 24.15 -31.11
CA LYS A 127 -22.58 24.91 -32.34
C LYS A 127 -21.23 25.40 -32.89
N SER A 128 -20.42 25.99 -32.02
CA SER A 128 -19.11 26.49 -32.44
C SER A 128 -18.19 25.39 -32.95
N GLY A 129 -18.46 24.14 -32.57
CA GLY A 129 -17.74 22.98 -33.13
C GLY A 129 -16.71 22.32 -32.25
N THR A 130 -16.71 22.68 -30.97
CA THR A 130 -15.85 22.06 -29.96
C THR A 130 -16.74 21.54 -28.82
N ALA A 131 -16.23 20.58 -28.07
CA ALA A 131 -16.87 20.09 -26.85
C ALA A 131 -15.84 20.14 -25.74
N SER A 132 -16.08 20.99 -24.74
CA SER A 132 -15.23 21.01 -23.55
C SER A 132 -16.06 20.40 -22.41
N VAL A 133 -15.46 19.50 -21.66
CA VAL A 133 -16.14 18.84 -20.54
C VAL A 133 -15.33 19.15 -19.30
N VAL A 134 -15.97 19.79 -18.32
CA VAL A 134 -15.25 20.27 -17.15
C VAL A 134 -15.53 19.39 -15.96
N CYS A 135 -14.46 18.90 -15.33
CA CYS A 135 -14.58 18.22 -14.05
C CYS A 135 -14.06 19.13 -12.95
N LEU A 136 -14.69 19.01 -11.77
CA LEU A 136 -14.39 19.88 -10.64
C LEU A 136 -14.21 19.08 -9.36
N LEU A 137 -13.00 19.13 -8.82
CA LEU A 137 -12.71 18.62 -7.48
C LEU A 137 -12.78 19.78 -6.49
N ASN A 138 -13.75 19.72 -5.57
CA ASN A 138 -13.93 20.79 -4.60
C ASN A 138 -13.42 20.45 -3.20
N ASN A 139 -12.64 21.42 -2.69
CA ASN A 139 -12.10 21.46 -1.33
C ASN A 139 -11.43 20.14 -0.81
N PHE A 140 -10.16 19.87 -1.19
CA PHE A 140 -9.47 18.61 -0.78
C PHE A 140 -8.07 18.81 -0.21
N TYR A 141 -7.60 17.83 0.56
CA TYR A 141 -6.21 17.79 1.01
C TYR A 141 -5.82 16.33 1.15
N PRO A 142 -4.54 15.99 0.91
CA PRO A 142 -3.44 16.75 0.32
C PRO A 142 -3.69 17.19 -1.11
N ARG A 143 -2.72 17.92 -1.64
CA ARG A 143 -2.84 18.51 -2.97
C ARG A 143 -2.80 17.50 -4.11
N GLU A 144 -2.19 16.37 -3.80
CA GLU A 144 -2.01 15.29 -4.76
C GLU A 144 -3.32 14.56 -5.03
N ALA A 145 -3.83 14.74 -6.25
CA ALA A 145 -5.06 14.10 -6.71
C ALA A 145 -4.94 13.72 -8.19
N LYS A 146 -5.46 12.55 -8.56
CA LYS A 146 -5.38 12.09 -9.96
C LYS A 146 -6.75 12.20 -10.64
N VAL A 147 -6.81 12.93 -11.75
CA VAL A 147 -8.05 13.04 -12.49
C VAL A 147 -7.88 12.38 -13.86
N GLN A 148 -8.61 11.30 -14.12
CA GLN A 148 -8.50 10.62 -15.40
C GLN A 148 -9.78 10.76 -16.16
N TRP A 149 -9.66 11.21 -17.41
CA TRP A 149 -10.79 11.31 -18.32
C TRP A 149 -10.93 10.00 -19.09
N LYS A 150 -12.18 9.55 -19.22
CA LYS A 150 -12.46 8.28 -19.86
C LYS A 150 -13.62 8.42 -20.85
N VAL A 151 -13.30 8.49 -22.14
CA VAL A 151 -14.32 8.51 -23.19
C VAL A 151 -14.60 7.08 -23.66
N ASP A 152 -15.78 6.57 -23.31
CA ASP A 152 -16.16 5.16 -23.52
C ASP A 152 -15.08 4.22 -23.04
N ASN A 153 -14.54 4.52 -21.86
CA ASN A 153 -13.48 3.73 -21.23
C ASN A 153 -12.12 3.83 -21.88
N ALA A 154 -11.96 4.63 -22.93
CA ALA A 154 -10.63 4.93 -23.42
C ALA A 154 -10.04 5.93 -22.44
N LEU A 155 -8.84 5.63 -21.93
CA LEU A 155 -8.15 6.58 -21.07
C LEU A 155 -7.71 7.74 -21.92
N GLN A 156 -8.15 8.94 -21.56
CA GLN A 156 -7.84 10.13 -22.35
C GLN A 156 -6.53 10.73 -21.88
N SER A 157 -5.82 11.37 -22.80
CA SER A 157 -4.50 11.91 -22.51
C SER A 157 -4.02 12.93 -23.54
N GLY A 158 -3.43 14.00 -23.03
CA GLY A 158 -2.92 15.08 -23.87
C GLY A 158 -3.99 16.02 -24.38
N ASN A 159 -5.26 15.72 -24.08
CA ASN A 159 -6.39 16.53 -24.55
C ASN A 159 -7.20 17.14 -23.39
N SER A 160 -6.50 17.46 -22.30
CA SER A 160 -7.10 18.20 -21.21
C SER A 160 -6.03 19.00 -20.50
N GLN A 161 -6.49 20.02 -19.77
CA GLN A 161 -5.62 20.81 -18.89
C GLN A 161 -6.34 20.98 -17.57
N GLU A 162 -5.58 21.29 -16.52
CA GLU A 162 -6.17 21.59 -15.23
C GLU A 162 -5.45 22.76 -14.60
N SER A 163 -6.11 23.35 -13.61
CA SER A 163 -5.50 24.34 -12.76
C SER A 163 -6.00 24.07 -11.36
N VAL A 164 -5.08 24.14 -10.41
CA VAL A 164 -5.37 24.03 -8.99
C VAL A 164 -5.32 25.45 -8.41
N THR A 165 -6.15 25.69 -7.40
CA THR A 165 -6.12 26.99 -6.71
C THR A 165 -4.90 27.07 -5.79
N GLU A 166 -4.76 28.20 -5.08
CA GLU A 166 -3.84 28.24 -3.97
C GLU A 166 -4.53 27.66 -2.73
N GLN A 167 -3.74 27.16 -1.80
CA GLN A 167 -4.30 26.59 -0.57
C GLN A 167 -5.18 27.64 0.10
N ASP A 168 -6.44 27.30 0.37
CA ASP A 168 -7.43 28.26 0.87
C ASP A 168 -7.05 28.83 2.26
N SER A 169 -7.27 30.14 2.44
CA SER A 169 -6.93 30.84 3.67
C SER A 169 -7.82 30.44 4.87
N LYS A 170 -9.01 29.93 4.59
CA LYS A 170 -9.93 29.53 5.64
C LYS A 170 -9.76 28.06 6.05
N ASP A 171 -10.02 27.12 5.15
CA ASP A 171 -9.98 25.69 5.52
C ASP A 171 -8.74 24.94 5.05
N SER A 172 -7.75 25.69 4.55
CA SER A 172 -6.45 25.13 4.11
C SER A 172 -6.52 24.07 3.02
N THR A 173 -7.60 24.01 2.25
CA THR A 173 -7.77 22.95 1.26
C THR A 173 -7.50 23.46 -0.15
N TYR A 174 -7.53 22.54 -1.13
CA TYR A 174 -7.27 22.86 -2.53
C TYR A 174 -8.48 22.48 -3.36
N SER A 175 -8.59 23.09 -4.55
CA SER A 175 -9.59 22.72 -5.56
C SER A 175 -8.99 22.75 -6.95
N LEU A 176 -9.58 21.96 -7.85
CA LEU A 176 -8.97 21.62 -9.14
C LEU A 176 -10.02 21.64 -10.25
N SER A 177 -9.61 22.05 -11.45
CA SER A 177 -10.51 22.06 -12.60
C SER A 177 -9.87 21.53 -13.86
N SER A 178 -10.03 20.23 -14.11
CA SER A 178 -9.61 19.61 -15.35
C SER A 178 -10.67 19.87 -16.41
N THR A 179 -10.22 20.24 -17.61
CA THR A 179 -11.12 20.46 -18.75
C THR A 179 -10.66 19.63 -19.93
N LEU A 180 -11.47 18.66 -20.30
CA LEU A 180 -11.24 17.83 -21.47
C LEU A 180 -11.89 18.51 -22.66
N THR A 181 -11.14 18.74 -23.74
CA THR A 181 -11.68 19.35 -24.95
C THR A 181 -11.48 18.48 -26.18
N LEU A 182 -12.57 18.33 -26.94
CA LEU A 182 -12.63 17.56 -28.17
C LEU A 182 -13.37 18.33 -29.24
N SER A 183 -13.10 18.01 -30.50
CA SER A 183 -13.87 18.58 -31.59
C SER A 183 -15.27 17.99 -31.53
N LYS A 184 -16.24 18.70 -32.09
CA LYS A 184 -17.60 18.19 -32.12
C LYS A 184 -17.63 16.85 -32.84
N ALA A 185 -16.88 16.76 -33.93
CA ALA A 185 -16.74 15.52 -34.72
C ALA A 185 -16.31 14.32 -33.85
N ASP A 186 -15.30 14.52 -33.01
CA ASP A 186 -14.83 13.47 -32.10
C ASP A 186 -15.87 13.19 -31.03
N TYR A 187 -16.26 14.25 -30.33
CA TYR A 187 -17.18 14.16 -29.20
C TYR A 187 -18.43 13.37 -29.52
N GLU A 188 -18.97 13.57 -30.72
CA GLU A 188 -20.21 12.89 -31.12
C GLU A 188 -20.02 11.40 -31.45
N LYS A 189 -18.82 11.01 -31.85
CA LYS A 189 -18.53 9.61 -32.18
C LYS A 189 -18.32 8.73 -30.94
N HIS A 190 -18.67 9.23 -29.76
CA HIS A 190 -18.54 8.47 -28.50
C HIS A 190 -19.69 8.79 -27.53
N LYS A 191 -20.04 7.84 -26.67
CA LYS A 191 -21.23 7.95 -25.81
C LYS A 191 -20.92 8.43 -24.36
N VAL A 192 -20.21 7.62 -23.58
CA VAL A 192 -20.04 7.92 -22.16
C VAL A 192 -18.76 8.70 -21.84
N TYR A 193 -18.93 9.80 -21.10
CA TYR A 193 -17.83 10.63 -20.63
C TYR A 193 -17.74 10.51 -19.11
N ALA A 194 -16.54 10.22 -18.62
CA ALA A 194 -16.30 10.01 -17.20
C ALA A 194 -15.08 10.78 -16.72
N CYS A 195 -15.24 11.40 -15.55
CA CYS A 195 -14.16 12.01 -14.82
C CYS A 195 -13.94 11.15 -13.58
N GLU A 196 -12.83 10.41 -13.57
CA GLU A 196 -12.49 9.51 -12.48
C GLU A 196 -11.41 10.15 -11.61
N VAL A 197 -11.84 10.64 -10.44
CA VAL A 197 -10.95 11.22 -9.45
C VAL A 197 -10.50 10.12 -8.49
N THR A 198 -9.27 10.26 -8.03
CA THR A 198 -8.63 9.33 -7.11
C THR A 198 -7.66 10.14 -6.25
N HIS A 199 -7.76 9.96 -4.94
CA HIS A 199 -7.14 10.87 -3.98
C HIS A 199 -7.04 10.25 -2.59
N GLN A 200 -5.93 10.50 -1.91
CA GLN A 200 -5.61 9.85 -0.63
C GLN A 200 -6.79 9.65 0.31
N GLY A 201 -7.59 10.69 0.51
CA GLY A 201 -8.75 10.60 1.40
C GLY A 201 -9.99 9.94 0.84
N LEU A 202 -9.85 9.03 -0.14
CA LEU A 202 -11.01 8.30 -0.72
C LEU A 202 -10.74 6.78 -0.74
N SER A 203 -11.67 6.00 -0.22
CA SER A 203 -11.52 4.54 -0.15
C SER A 203 -11.42 3.88 -1.51
N SER A 204 -12.19 4.36 -2.47
CA SER A 204 -12.02 3.96 -3.87
C SER A 204 -12.16 5.20 -4.73
N PRO A 205 -11.61 5.17 -5.95
CA PRO A 205 -11.71 6.32 -6.85
C PRO A 205 -13.16 6.66 -7.13
N VAL A 206 -13.45 7.95 -7.22
CA VAL A 206 -14.80 8.45 -7.45
C VAL A 206 -14.90 8.78 -8.91
N THR A 207 -15.86 8.16 -9.59
CA THR A 207 -16.11 8.48 -10.98
C THR A 207 -17.40 9.29 -11.04
N LYS A 208 -17.36 10.37 -11.82
CA LYS A 208 -18.57 11.12 -12.20
C LYS A 208 -18.66 11.03 -13.72
N SER A 209 -19.85 10.79 -14.25
CA SER A 209 -20.02 10.43 -15.67
C SER A 209 -21.39 10.76 -16.22
N PHE A 210 -21.47 10.98 -17.53
CA PHE A 210 -22.74 11.20 -18.23
C PHE A 210 -22.74 10.64 -19.65
N ASN A 211 -23.92 10.65 -20.27
CA ASN A 211 -24.10 10.20 -21.64
C ASN A 211 -24.70 11.30 -22.49
N ARG A 212 -24.21 11.45 -23.71
CA ARG A 212 -24.73 12.45 -24.64
C ARG A 212 -26.21 12.24 -24.91
N GLY A 213 -26.93 13.32 -25.21
CA GLY A 213 -28.37 13.25 -25.42
C GLY A 213 -29.10 13.15 -24.08
N GLU A 214 -28.58 12.30 -23.21
CA GLU A 214 -29.05 12.21 -21.84
C GLU A 214 -28.61 13.44 -21.05
N CYS A 215 -27.64 14.19 -21.60
CA CYS A 215 -27.47 15.63 -21.31
C CYS A 215 -27.39 16.38 -22.65
N GLN B 1 9.92 56.83 3.16
CA GLN B 1 10.04 55.40 2.75
C GLN B 1 10.75 55.31 1.41
N VAL B 2 11.78 54.49 1.33
CA VAL B 2 12.35 54.10 0.03
C VAL B 2 11.25 53.37 -0.74
N GLN B 3 11.07 53.67 -2.03
CA GLN B 3 10.26 52.80 -2.88
C GLN B 3 10.67 52.79 -4.35
N LEU B 4 10.60 51.60 -4.94
CA LEU B 4 10.83 51.40 -6.37
C LEU B 4 9.49 51.06 -7.05
N VAL B 5 9.01 51.93 -7.93
CA VAL B 5 7.74 51.73 -8.62
C VAL B 5 7.95 51.58 -10.12
N GLN B 6 7.65 50.41 -10.65
CA GLN B 6 7.89 50.12 -12.06
C GLN B 6 6.69 50.39 -12.97
N SER B 7 6.98 50.45 -14.27
CA SER B 7 6.00 50.66 -15.34
C SER B 7 4.94 49.56 -15.43
N GLY B 8 3.95 49.79 -16.28
CA GLY B 8 2.82 48.88 -16.43
C GLY B 8 3.14 47.61 -17.19
N ALA B 9 2.12 46.74 -17.27
CA ALA B 9 2.25 45.46 -17.95
C ALA B 9 2.48 45.67 -19.44
N GLU B 10 3.20 44.73 -20.05
CA GLU B 10 3.48 44.78 -21.49
C GLU B 10 3.07 43.47 -22.17
N VAL B 11 2.62 43.58 -23.42
CA VAL B 11 2.33 42.42 -24.25
C VAL B 11 3.00 42.66 -25.57
N LYS B 12 3.89 41.79 -25.98
CA LYS B 12 4.63 41.99 -27.21
C LYS B 12 4.65 40.72 -28.06
N LYS B 13 4.89 40.90 -29.36
CA LYS B 13 5.10 39.78 -30.26
C LYS B 13 6.58 39.40 -30.21
N PRO B 14 6.92 38.18 -30.64
CA PRO B 14 8.32 37.79 -30.62
C PRO B 14 9.14 38.64 -31.58
N GLY B 15 10.41 38.85 -31.25
CA GLY B 15 11.29 39.64 -32.10
C GLY B 15 11.20 41.13 -31.83
N ALA B 16 10.22 41.54 -31.04
CA ALA B 16 10.04 42.92 -30.64
C ALA B 16 10.96 43.21 -29.47
N SER B 17 10.75 44.36 -28.82
CA SER B 17 11.47 44.67 -27.58
C SER B 17 10.61 45.33 -26.53
N VAL B 18 11.12 45.32 -25.31
CA VAL B 18 10.49 46.00 -24.21
C VAL B 18 11.55 46.84 -23.58
N LYS B 19 11.15 48.03 -23.16
CA LYS B 19 11.96 48.87 -22.28
C LYS B 19 11.15 49.11 -21.02
N VAL B 20 11.12 48.11 -20.14
CA VAL B 20 10.51 48.27 -18.82
C VAL B 20 11.28 49.34 -18.05
N SER B 21 10.60 50.07 -17.19
CA SER B 21 11.24 51.09 -16.37
C SER B 21 10.92 50.90 -14.90
N CYS B 22 11.68 51.57 -14.05
CA CYS B 22 11.63 51.40 -12.61
C CYS B 22 12.07 52.69 -11.94
N LYS B 23 11.12 53.41 -11.34
CA LYS B 23 11.41 54.71 -10.74
C LYS B 23 11.68 54.63 -9.24
N ALA B 24 12.79 55.24 -8.81
CA ALA B 24 13.23 55.24 -7.41
C ALA B 24 12.75 56.47 -6.65
N SER B 25 12.47 56.31 -5.35
CA SER B 25 12.24 57.45 -4.46
C SER B 25 12.52 57.12 -2.98
N GLY B 26 12.81 58.14 -2.19
CA GLY B 26 13.08 57.99 -0.76
C GLY B 26 14.56 57.99 -0.44
N TYR B 27 15.38 58.17 -1.47
CA TYR B 27 16.84 58.11 -1.34
C TYR B 27 17.51 58.70 -2.58
N THR B 28 18.81 58.95 -2.50
CA THR B 28 19.57 59.43 -3.65
C THR B 28 19.78 58.30 -4.67
N PHE B 29 19.22 58.50 -5.86
CA PHE B 29 19.19 57.49 -6.91
C PHE B 29 20.57 56.99 -7.29
N THR B 30 21.52 57.90 -7.40
CA THR B 30 22.84 57.57 -7.88
C THR B 30 23.72 56.82 -6.88
N SER B 31 23.41 56.92 -5.59
CA SER B 31 24.27 56.32 -4.56
C SER B 31 24.21 54.77 -4.45
N TYR B 32 23.16 54.13 -4.99
CA TYR B 32 23.09 52.65 -4.96
C TYR B 32 22.82 52.03 -6.32
N SER B 33 23.52 50.94 -6.59
CA SER B 33 23.36 50.21 -7.84
C SER B 33 22.09 49.35 -7.81
N ILE B 34 21.56 49.06 -9.01
CA ILE B 34 20.30 48.32 -9.18
C ILE B 34 20.52 47.15 -10.10
N SER B 35 19.80 46.07 -9.85
CA SER B 35 19.84 44.87 -10.67
C SER B 35 18.42 44.40 -10.99
N TRP B 36 18.30 43.49 -11.97
CA TRP B 36 17.00 43.02 -12.47
C TRP B 36 16.79 41.51 -12.31
N VAL B 37 15.81 41.12 -11.51
CA VAL B 37 15.50 39.74 -11.33
C VAL B 37 14.20 39.46 -12.06
N ARG B 38 14.15 38.30 -12.72
CA ARG B 38 13.06 37.95 -13.62
C ARG B 38 12.45 36.64 -13.16
N GLN B 39 11.14 36.49 -13.34
CA GLN B 39 10.43 35.31 -12.85
C GLN B 39 9.31 34.89 -13.78
N ALA B 40 9.59 33.88 -14.62
CA ALA B 40 8.58 33.23 -15.46
C ALA B 40 7.46 32.66 -14.58
N PRO B 41 6.22 32.63 -15.10
CA PRO B 41 5.08 32.15 -14.33
C PRO B 41 5.32 30.79 -13.68
N GLY B 42 5.03 30.69 -12.38
CA GLY B 42 5.19 29.45 -11.64
C GLY B 42 6.61 28.91 -11.61
N GLN B 43 7.59 29.79 -11.59
CA GLN B 43 8.99 29.38 -11.55
C GLN B 43 9.81 30.28 -10.64
N GLY B 44 11.09 29.97 -10.50
CA GLY B 44 11.96 30.71 -9.60
C GLY B 44 12.37 32.08 -10.10
N LEU B 45 13.19 32.74 -9.27
CA LEU B 45 13.76 34.02 -9.61
C LEU B 45 14.98 33.77 -10.48
N GLU B 46 15.28 34.70 -11.38
CA GLU B 46 16.45 34.60 -12.24
C GLU B 46 17.12 35.97 -12.42
N TRP B 47 18.32 36.10 -11.90
CA TRP B 47 19.10 37.34 -11.95
C TRP B 47 19.65 37.58 -13.36
N MET B 48 19.42 38.79 -13.86
CA MET B 48 19.73 39.12 -15.24
C MET B 48 21.04 39.93 -15.33
N GLY B 49 21.16 40.96 -14.51
CA GLY B 49 22.34 41.82 -14.55
C GLY B 49 22.31 42.91 -13.50
N TRP B 50 23.20 43.88 -13.62
CA TRP B 50 23.46 44.85 -12.55
C TRP B 50 24.00 46.13 -13.16
N ILE B 51 23.56 47.27 -12.63
CA ILE B 51 24.01 48.56 -13.15
C ILE B 51 24.38 49.51 -12.02
N SER B 52 25.59 50.05 -12.10
CA SER B 52 25.99 51.16 -11.25
C SER B 52 25.25 52.41 -11.71
N VAL B 53 24.20 52.78 -10.97
CA VAL B 53 23.43 53.97 -11.29
C VAL B 53 24.36 55.17 -11.39
N TYR B 54 25.35 55.23 -10.49
CA TYR B 54 26.32 56.30 -10.48
C TYR B 54 27.19 56.35 -11.73
N ASN B 55 27.99 55.31 -11.97
CA ASN B 55 29.00 55.35 -13.05
C ASN B 55 28.58 54.69 -14.38
N GLY B 56 27.48 53.94 -14.38
CA GLY B 56 26.97 53.34 -15.60
C GLY B 56 27.59 52.00 -15.97
N ASN B 57 28.36 51.43 -15.05
CA ASN B 57 28.95 50.09 -15.24
C ASN B 57 27.84 49.05 -15.31
N THR B 58 28.06 47.97 -16.05
CA THR B 58 27.08 46.88 -16.11
C THR B 58 27.70 45.48 -16.01
N ASN B 59 27.01 44.56 -15.35
CA ASN B 59 27.34 43.14 -15.42
C ASN B 59 26.07 42.43 -15.87
N TYR B 60 26.21 41.35 -16.66
CA TYR B 60 25.04 40.63 -17.18
C TYR B 60 25.21 39.13 -17.06
N ALA B 61 24.09 38.44 -16.87
CA ALA B 61 24.07 36.99 -17.01
C ALA B 61 24.31 36.69 -18.48
N GLN B 62 25.13 35.67 -18.75
CA GLN B 62 25.51 35.27 -20.10
C GLN B 62 24.28 35.08 -21.00
N LYS B 63 23.27 34.43 -20.43
CA LYS B 63 21.97 34.24 -21.07
C LYS B 63 21.48 35.47 -21.85
N PHE B 64 21.66 36.66 -21.29
CA PHE B 64 21.13 37.90 -21.88
C PHE B 64 22.18 38.82 -22.48
N GLN B 65 23.46 38.50 -22.30
CA GLN B 65 24.55 39.34 -22.78
C GLN B 65 24.33 39.73 -24.24
N GLY B 66 24.33 41.04 -24.49
CA GLY B 66 24.23 41.54 -25.87
C GLY B 66 22.85 41.46 -26.48
N ARG B 67 21.87 41.09 -25.67
CA ARG B 67 20.46 41.17 -26.06
C ARG B 67 19.70 42.14 -25.15
N VAL B 68 20.21 42.37 -23.94
CA VAL B 68 19.64 43.34 -23.02
C VAL B 68 20.65 44.46 -22.73
N THR B 69 20.15 45.69 -22.66
CA THR B 69 20.88 46.81 -22.15
C THR B 69 20.13 47.33 -20.95
N MET B 70 20.84 47.57 -19.85
CA MET B 70 20.29 48.30 -18.72
C MET B 70 20.84 49.70 -18.79
N THR B 71 19.99 50.69 -18.53
CA THR B 71 20.42 52.08 -18.46
C THR B 71 19.70 52.79 -17.31
N THR B 72 20.05 54.03 -17.06
CA THR B 72 19.48 54.80 -15.97
C THR B 72 19.30 56.23 -16.40
N ASP B 73 18.41 56.94 -15.74
CA ASP B 73 18.30 58.37 -15.93
C ASP B 73 18.33 59.07 -14.58
N THR B 74 19.41 59.82 -14.32
CA THR B 74 19.61 60.47 -13.03
C THR B 74 18.59 61.57 -12.77
N SER B 75 18.26 62.33 -13.81
CA SER B 75 17.31 63.44 -13.70
C SER B 75 15.90 62.98 -13.31
N THR B 76 15.53 61.77 -13.69
CA THR B 76 14.20 61.26 -13.44
C THR B 76 14.23 60.09 -12.47
N SER B 77 15.40 59.87 -11.86
CA SER B 77 15.68 58.71 -11.00
C SER B 77 14.94 57.44 -11.45
N THR B 78 15.11 57.11 -12.72
CA THR B 78 14.51 55.92 -13.29
C THR B 78 15.58 55.08 -13.91
N ALA B 79 15.55 53.79 -13.56
CA ALA B 79 16.37 52.76 -14.17
C ALA B 79 15.52 52.05 -15.22
N TYR B 80 16.12 51.79 -16.37
CA TYR B 80 15.45 51.10 -17.44
C TYR B 80 16.08 49.74 -17.64
N LEU B 81 15.33 48.86 -18.31
CA LEU B 81 15.81 47.56 -18.79
C LEU B 81 15.27 47.41 -20.20
N GLU B 82 16.14 47.34 -21.19
CA GLU B 82 15.70 47.04 -22.56
C GLU B 82 15.95 45.56 -22.85
N LEU B 83 14.98 44.90 -23.47
CA LEU B 83 15.09 43.49 -23.79
C LEU B 83 14.69 43.32 -25.25
N ARG B 84 15.66 42.94 -26.09
CA ARG B 84 15.47 42.92 -27.53
C ARG B 84 15.31 41.50 -28.09
N SER B 85 14.79 41.41 -29.31
CA SER B 85 14.58 40.15 -30.00
C SER B 85 13.79 39.18 -29.13
N LEU B 86 12.69 39.68 -28.55
CA LEU B 86 11.97 38.94 -27.49
C LEU B 86 11.48 37.55 -27.93
N ARG B 87 11.45 36.62 -26.97
CA ARG B 87 11.00 35.25 -27.22
C ARG B 87 9.79 34.93 -26.34
N SER B 88 8.99 33.95 -26.74
CA SER B 88 7.85 33.51 -25.93
C SER B 88 8.21 33.31 -24.48
N ASP B 89 9.37 32.70 -24.24
CA ASP B 89 9.82 32.39 -22.89
C ASP B 89 10.53 33.56 -22.18
N ASP B 90 10.36 34.78 -22.69
CA ASP B 90 10.65 35.95 -21.90
C ASP B 90 9.43 36.36 -21.10
N THR B 91 8.29 35.71 -21.38
CA THR B 91 7.09 35.90 -20.56
C THR B 91 7.46 35.66 -19.12
N ALA B 92 7.35 36.70 -18.30
CA ALA B 92 7.79 36.67 -16.93
C ALA B 92 7.54 38.01 -16.27
N VAL B 93 7.44 38.02 -14.94
CA VAL B 93 7.42 39.27 -14.19
C VAL B 93 8.86 39.70 -13.96
N TYR B 94 9.18 40.91 -14.41
CA TYR B 94 10.52 41.46 -14.26
C TYR B 94 10.54 42.36 -13.04
N TYR B 95 11.54 42.19 -12.18
CA TYR B 95 11.74 43.04 -11.00
C TYR B 95 12.99 43.86 -11.13
N CYS B 96 12.97 45.06 -10.56
CA CYS B 96 14.18 45.80 -10.30
C CYS B 96 14.41 45.68 -8.80
N ALA B 97 15.64 45.41 -8.41
CA ALA B 97 15.99 45.29 -6.99
C ALA B 97 17.21 46.17 -6.73
N ARG B 98 17.27 46.76 -5.54
CA ARG B 98 18.34 47.69 -5.20
C ARG B 98 19.38 47.08 -4.27
N ASP B 99 20.64 47.36 -4.58
CA ASP B 99 21.75 47.07 -3.67
C ASP B 99 21.76 48.04 -2.47
N PRO B 100 22.34 47.61 -1.35
CA PRO B 100 22.89 46.29 -1.12
C PRO B 100 21.79 45.29 -0.77
N ILE B 101 22.11 44.00 -0.84
CA ILE B 101 21.14 42.95 -0.52
C ILE B 101 20.46 43.19 0.82
N ALA B 102 21.24 43.57 1.83
CA ALA B 102 20.70 43.86 3.16
C ALA B 102 19.58 44.90 3.11
N ALA B 103 19.62 45.80 2.13
CA ALA B 103 18.60 46.85 1.98
C ALA B 103 17.18 46.30 1.82
N GLY B 104 17.05 45.13 1.23
CA GLY B 104 15.73 44.53 1.06
C GLY B 104 14.78 45.28 0.16
N TYR B 105 15.26 46.29 -0.56
CA TYR B 105 14.40 47.09 -1.46
C TYR B 105 14.20 46.43 -2.85
N TRP B 106 12.95 46.22 -3.23
CA TRP B 106 12.56 45.69 -4.54
C TRP B 106 11.39 46.51 -5.09
N GLY B 107 11.07 46.31 -6.35
CA GLY B 107 9.91 46.97 -6.98
C GLY B 107 8.72 46.03 -7.02
N GLN B 108 7.57 46.55 -7.46
CA GLN B 108 6.35 45.72 -7.55
C GLN B 108 6.43 44.73 -8.69
N GLY B 109 7.31 45.00 -9.64
CA GLY B 109 7.52 44.11 -10.78
C GLY B 109 6.67 44.48 -11.99
N THR B 110 7.26 44.39 -13.18
CA THR B 110 6.54 44.58 -14.43
C THR B 110 6.36 43.23 -15.13
N LEU B 111 5.13 42.93 -15.53
CA LEU B 111 4.81 41.73 -16.31
C LEU B 111 4.90 41.99 -17.81
N VAL B 112 5.83 41.31 -18.48
CA VAL B 112 5.92 41.32 -19.93
C VAL B 112 5.42 39.98 -20.43
N THR B 113 4.55 40.02 -21.42
CA THR B 113 3.97 38.83 -22.03
C THR B 113 4.39 38.82 -23.50
N VAL B 114 5.34 37.97 -23.85
CA VAL B 114 5.75 37.82 -25.25
C VAL B 114 4.99 36.65 -25.84
N SER B 115 4.33 36.88 -26.96
CA SER B 115 3.58 35.81 -27.65
C SER B 115 3.23 36.22 -29.07
N SER B 116 3.01 35.23 -29.92
CA SER B 116 2.59 35.48 -31.29
C SER B 116 1.07 35.38 -31.41
N ALA B 117 0.40 35.07 -30.29
CA ALA B 117 -1.04 35.21 -30.19
C ALA B 117 -1.42 36.67 -30.37
N SER B 118 -2.63 36.89 -30.88
CA SER B 118 -3.16 38.23 -31.09
C SER B 118 -4.24 38.47 -30.05
N THR B 119 -4.32 39.70 -29.57
CA THR B 119 -5.43 40.18 -28.76
C THR B 119 -6.74 39.55 -29.20
N LYS B 120 -7.47 38.96 -28.25
CA LYS B 120 -8.69 38.22 -28.55
C LYS B 120 -9.56 38.12 -27.28
N GLY B 121 -10.86 38.34 -27.43
CA GLY B 121 -11.81 38.14 -26.33
C GLY B 121 -12.23 36.69 -26.18
N PRO B 122 -12.72 36.32 -24.98
CA PRO B 122 -13.00 34.92 -24.68
C PRO B 122 -14.45 34.55 -24.93
N SER B 123 -14.67 33.32 -25.36
CA SER B 123 -16.00 32.77 -25.41
C SER B 123 -16.35 32.39 -23.97
N VAL B 124 -17.60 32.64 -23.57
CA VAL B 124 -18.05 32.35 -22.21
C VAL B 124 -19.21 31.38 -22.27
N PHE B 125 -18.90 30.11 -21.99
CA PHE B 125 -19.89 29.05 -22.03
C PHE B 125 -20.32 28.71 -20.61
N PRO B 126 -21.62 28.44 -20.43
CA PRO B 126 -22.12 28.12 -19.10
C PRO B 126 -21.83 26.67 -18.72
N LEU B 127 -21.30 26.49 -17.53
CA LEU B 127 -21.21 25.18 -16.92
C LEU B 127 -22.54 24.96 -16.16
N ALA B 128 -23.45 24.23 -16.79
CA ALA B 128 -24.83 24.13 -16.30
C ALA B 128 -24.97 23.22 -15.09
N PRO B 129 -25.69 23.69 -14.06
CA PRO B 129 -25.92 22.83 -12.90
C PRO B 129 -26.89 21.69 -13.20
N SER B 130 -26.54 20.49 -12.77
CA SER B 130 -27.37 19.31 -12.95
C SER B 130 -27.31 18.46 -11.69
N SER B 131 -27.99 17.31 -11.71
CA SER B 131 -27.79 16.27 -10.69
C SER B 131 -26.29 15.92 -10.63
N LYS B 132 -25.60 15.92 -11.77
CA LYS B 132 -24.20 15.54 -11.83
C LYS B 132 -23.27 16.65 -11.32
N SER B 133 -23.86 17.72 -10.76
CA SER B 133 -23.10 18.73 -10.02
C SER B 133 -23.75 19.12 -8.69
N THR B 134 -24.79 18.39 -8.27
CA THR B 134 -25.46 18.60 -6.97
C THR B 134 -24.81 17.70 -5.93
N SER B 135 -25.01 18.04 -4.65
CA SER B 135 -24.57 17.19 -3.54
C SER B 135 -25.29 17.58 -2.25
N GLY B 136 -26.51 17.07 -2.09
CA GLY B 136 -27.25 17.22 -0.84
C GLY B 136 -27.41 18.65 -0.36
N GLY B 137 -28.29 19.39 -1.03
CA GLY B 137 -28.73 20.70 -0.54
C GLY B 137 -27.99 21.87 -1.14
N THR B 138 -26.89 21.60 -1.84
CA THR B 138 -26.19 22.64 -2.58
C THR B 138 -25.72 22.06 -3.92
N ALA B 139 -25.59 22.92 -4.92
CA ALA B 139 -25.15 22.53 -6.26
C ALA B 139 -24.20 23.57 -6.83
N ALA B 140 -23.21 23.12 -7.61
CA ALA B 140 -22.23 24.00 -8.25
C ALA B 140 -22.63 24.28 -9.71
N LEU B 141 -22.29 25.49 -10.17
CA LEU B 141 -22.53 25.92 -11.55
C LEU B 141 -21.41 26.89 -11.88
N GLY B 142 -21.21 27.22 -13.15
CA GLY B 142 -20.10 28.09 -13.49
C GLY B 142 -20.09 28.71 -14.87
N CYS B 143 -18.92 29.23 -15.24
CA CYS B 143 -18.67 29.74 -16.58
C CYS B 143 -17.27 29.33 -17.05
N LEU B 144 -17.19 28.74 -18.24
CA LEU B 144 -15.92 28.49 -18.89
C LEU B 144 -15.58 29.70 -19.75
N VAL B 145 -14.47 30.37 -19.42
CA VAL B 145 -13.98 31.53 -20.16
C VAL B 145 -12.82 31.04 -21.04
N LYS B 146 -13.11 30.81 -22.33
CA LYS B 146 -12.19 30.06 -23.18
C LYS B 146 -11.58 30.85 -24.34
N ASP B 147 -10.28 30.65 -24.54
CA ASP B 147 -9.55 31.08 -25.75
C ASP B 147 -9.41 32.61 -25.87
N TYR B 148 -8.91 33.24 -24.79
CA TYR B 148 -8.63 34.69 -24.79
C TYR B 148 -7.15 35.03 -24.66
N PHE B 149 -6.78 36.17 -25.23
CA PHE B 149 -5.43 36.69 -25.09
C PHE B 149 -5.49 38.22 -25.13
N PRO B 150 -4.69 38.89 -24.29
CA PRO B 150 -3.82 38.40 -23.24
C PRO B 150 -4.55 38.36 -21.90
N GLU B 151 -3.81 38.20 -20.82
CA GLU B 151 -4.37 38.28 -19.48
C GLU B 151 -4.57 39.76 -19.11
N PRO B 152 -5.41 40.04 -18.10
CA PRO B 152 -6.32 39.15 -17.41
C PRO B 152 -7.78 39.34 -17.83
N VAL B 153 -8.59 38.34 -17.52
CA VAL B 153 -10.02 38.48 -17.55
C VAL B 153 -10.45 38.77 -16.11
N THR B 154 -11.49 39.58 -15.94
CA THR B 154 -12.11 39.79 -14.63
C THR B 154 -13.49 39.13 -14.73
N VAL B 155 -13.88 38.39 -13.69
CA VAL B 155 -15.16 37.67 -13.71
C VAL B 155 -15.92 37.86 -12.41
N SER B 156 -17.15 38.35 -12.50
CA SER B 156 -17.99 38.56 -11.33
C SER B 156 -19.32 37.83 -11.49
N TRP B 157 -20.09 37.76 -10.40
CA TRP B 157 -21.35 37.00 -10.39
C TRP B 157 -22.57 37.82 -9.97
N ASN B 158 -23.62 37.67 -10.77
CA ASN B 158 -24.86 38.46 -10.65
C ASN B 158 -24.56 39.95 -10.51
N SER B 159 -23.85 40.47 -11.50
CA SER B 159 -23.33 41.83 -11.47
C SER B 159 -22.74 42.17 -10.09
N GLY B 160 -21.97 41.24 -9.53
CA GLY B 160 -21.25 41.47 -8.29
C GLY B 160 -22.03 41.34 -6.99
N ALA B 161 -23.34 41.06 -7.06
CA ALA B 161 -24.15 40.92 -5.83
C ALA B 161 -23.79 39.65 -5.08
N LEU B 162 -24.55 38.58 -5.27
CA LEU B 162 -24.30 37.29 -4.60
C LEU B 162 -22.98 36.66 -5.12
N THR B 163 -21.95 36.69 -4.26
CA THR B 163 -20.58 36.33 -4.63
C THR B 163 -19.69 35.67 -3.53
N SER B 164 -20.15 35.56 -2.29
CA SER B 164 -19.35 34.92 -1.22
C SER B 164 -19.57 33.39 -1.12
N GLY B 165 -19.61 32.73 -2.28
CA GLY B 165 -19.41 31.28 -2.37
C GLY B 165 -18.64 30.92 -3.64
N VAL B 166 -17.99 31.90 -4.25
CA VAL B 166 -17.36 31.74 -5.56
C VAL B 166 -15.94 31.22 -5.42
N HIS B 167 -15.48 30.49 -6.44
CA HIS B 167 -14.07 30.15 -6.63
C HIS B 167 -13.74 30.34 -8.12
N THR B 168 -12.90 31.31 -8.44
CA THR B 168 -12.42 31.47 -9.82
C THR B 168 -11.02 30.88 -9.96
N PHE B 169 -10.84 30.01 -10.94
CA PHE B 169 -9.58 29.27 -11.07
C PHE B 169 -8.52 30.05 -11.85
N PRO B 170 -7.24 29.92 -11.48
CA PRO B 170 -6.19 30.66 -12.17
C PRO B 170 -6.11 30.24 -13.62
N ALA B 171 -5.85 31.20 -14.51
CA ALA B 171 -5.83 30.94 -15.96
C ALA B 171 -4.82 29.86 -16.34
N VAL B 172 -5.05 29.19 -17.45
CA VAL B 172 -4.06 28.26 -17.99
C VAL B 172 -3.77 28.58 -19.45
N LEU B 173 -2.47 28.76 -19.74
CA LEU B 173 -1.97 29.00 -21.07
C LEU B 173 -2.10 27.71 -21.85
N GLN B 174 -3.04 27.70 -22.78
CA GLN B 174 -3.25 26.56 -23.63
C GLN B 174 -2.08 26.48 -24.62
N SER B 175 -1.88 25.28 -25.16
CA SER B 175 -0.77 24.99 -26.05
C SER B 175 -0.91 25.77 -27.34
N SER B 176 -2.17 26.01 -27.72
CA SER B 176 -2.55 26.91 -28.80
C SER B 176 -1.91 28.30 -28.68
N GLY B 177 -1.92 28.87 -27.47
CA GLY B 177 -1.34 30.18 -27.23
C GLY B 177 -2.29 31.12 -26.51
N LEU B 178 -3.58 30.81 -26.61
CA LEU B 178 -4.63 31.52 -25.88
C LEU B 178 -4.77 31.00 -24.44
N TYR B 179 -5.25 31.87 -23.56
CA TYR B 179 -5.49 31.52 -22.17
C TYR B 179 -6.90 30.98 -22.00
N SER B 180 -7.14 30.33 -20.87
CA SER B 180 -8.47 29.82 -20.57
C SER B 180 -8.64 29.64 -19.07
N LEU B 181 -9.89 29.74 -18.62
CA LEU B 181 -10.17 29.90 -17.19
C LEU B 181 -11.64 29.58 -16.91
N SER B 182 -11.90 29.01 -15.74
CA SER B 182 -13.26 28.68 -15.34
C SER B 182 -13.57 29.28 -13.96
N SER B 183 -14.81 29.72 -13.80
CA SER B 183 -15.28 30.25 -12.52
C SER B 183 -16.50 29.44 -12.12
N VAL B 184 -16.38 28.80 -10.96
CA VAL B 184 -17.45 27.99 -10.40
C VAL B 184 -18.00 28.68 -9.17
N VAL B 185 -19.32 28.67 -9.02
CA VAL B 185 -19.97 29.06 -7.78
C VAL B 185 -20.82 27.91 -7.26
N THR B 186 -20.76 27.66 -5.95
CA THR B 186 -21.65 26.68 -5.32
C THR B 186 -22.74 27.46 -4.60
N VAL B 187 -23.98 27.08 -4.86
CA VAL B 187 -25.14 27.74 -4.30
C VAL B 187 -26.09 26.68 -3.74
N PRO B 188 -27.06 27.09 -2.91
CA PRO B 188 -28.13 26.19 -2.49
C PRO B 188 -28.95 25.71 -3.68
N SER B 189 -29.16 24.40 -3.77
CA SER B 189 -29.67 23.78 -5.00
C SER B 189 -31.14 24.05 -5.27
N SER B 190 -31.97 24.12 -4.24
CA SER B 190 -33.37 24.45 -4.45
C SER B 190 -33.54 25.88 -5.00
N SER B 191 -32.49 26.69 -4.87
CA SER B 191 -32.49 28.05 -5.42
C SER B 191 -32.34 28.06 -6.94
N LEU B 192 -32.00 26.91 -7.53
CA LEU B 192 -31.91 26.79 -8.99
C LEU B 192 -33.26 26.94 -9.70
N GLY B 193 -34.34 26.97 -8.94
CA GLY B 193 -35.61 27.42 -9.46
C GLY B 193 -35.63 28.92 -9.64
N THR B 194 -35.73 29.65 -8.52
CA THR B 194 -35.88 31.11 -8.56
C THR B 194 -34.61 31.82 -9.03
N GLN B 195 -33.57 31.77 -8.21
CA GLN B 195 -32.40 32.62 -8.41
C GLN B 195 -31.80 32.44 -9.79
N THR B 196 -31.83 33.50 -10.59
CA THR B 196 -31.17 33.51 -11.89
C THR B 196 -29.69 33.75 -11.67
N TYR B 197 -28.83 32.92 -12.26
CA TYR B 197 -27.37 33.12 -12.12
C TYR B 197 -26.75 33.59 -13.42
N ILE B 198 -26.17 34.80 -13.39
CA ILE B 198 -25.41 35.37 -14.52
C ILE B 198 -23.98 35.61 -14.10
N CYS B 199 -23.02 35.16 -14.92
CA CYS B 199 -21.63 35.54 -14.70
C CYS B 199 -21.27 36.65 -15.65
N ASN B 200 -20.47 37.60 -15.15
CA ASN B 200 -20.06 38.76 -15.93
C ASN B 200 -18.57 38.69 -16.16
N VAL B 201 -18.18 38.35 -17.38
CA VAL B 201 -16.77 38.23 -17.75
C VAL B 201 -16.38 39.48 -18.55
N ASN B 202 -15.48 40.27 -17.95
CA ASN B 202 -14.95 41.46 -18.60
C ASN B 202 -13.47 41.27 -18.94
N HIS B 203 -13.15 41.40 -20.22
CA HIS B 203 -11.79 41.33 -20.72
C HIS B 203 -11.49 42.66 -21.42
N LYS B 204 -10.84 43.57 -20.71
CA LYS B 204 -10.66 44.95 -21.17
C LYS B 204 -9.76 45.10 -22.40
N PRO B 205 -8.67 44.32 -22.50
CA PRO B 205 -7.77 44.38 -23.65
C PRO B 205 -8.44 44.13 -25.01
N SER B 206 -9.45 43.27 -25.05
CA SER B 206 -10.22 43.07 -26.28
C SER B 206 -11.55 43.81 -26.20
N ASN B 207 -11.64 44.77 -25.28
CA ASN B 207 -12.81 45.64 -25.17
C ASN B 207 -14.09 44.84 -24.88
N THR B 208 -13.94 43.63 -24.34
CA THR B 208 -15.01 42.64 -24.28
C THR B 208 -15.67 42.57 -22.92
N LYS B 209 -17.00 42.61 -22.92
CA LYS B 209 -17.79 42.41 -21.71
C LYS B 209 -18.95 41.51 -22.09
N VAL B 210 -18.89 40.25 -21.64
CA VAL B 210 -19.93 39.27 -21.91
C VAL B 210 -20.70 39.02 -20.63
N ASP B 211 -22.02 38.92 -20.73
CA ASP B 211 -22.85 38.47 -19.60
C ASP B 211 -23.55 37.18 -19.99
N LYS B 212 -23.34 36.13 -19.20
CA LYS B 212 -23.91 34.83 -19.51
C LYS B 212 -24.71 34.28 -18.33
N LYS B 213 -25.97 33.96 -18.62
CA LYS B 213 -26.82 33.25 -17.68
C LYS B 213 -26.44 31.77 -17.71
N VAL B 214 -26.49 31.13 -16.55
CA VAL B 214 -26.20 29.71 -16.43
C VAL B 214 -27.48 29.02 -16.03
N GLU B 215 -28.11 28.33 -16.98
CA GLU B 215 -29.38 27.67 -16.71
C GLU B 215 -29.17 26.21 -16.30
N PRO B 216 -30.00 25.72 -15.36
CA PRO B 216 -29.88 24.33 -14.96
C PRO B 216 -30.36 23.33 -16.02
N LYS B 217 -29.93 22.07 -15.86
CA LYS B 217 -30.50 20.95 -16.62
C LYS B 217 -30.08 19.62 -15.97
N SER B 218 -31.03 18.87 -15.40
CA SER B 218 -30.70 17.69 -14.57
C SER B 218 -30.71 16.37 -15.35
N CYS B 219 -29.58 15.67 -15.36
CA CYS B 219 -29.43 14.38 -16.04
C CYS B 219 -29.63 13.21 -15.07
N THR C 1 31.24 52.72 -5.84
CA THR C 1 29.91 52.79 -6.52
C THR C 1 29.96 52.17 -7.94
N SER C 2 31.16 51.83 -8.40
CA SER C 2 31.36 51.09 -9.66
C SER C 2 32.70 50.30 -9.61
N CYS C 3 33.28 50.22 -8.39
CA CYS C 3 34.56 49.64 -8.04
C CYS C 3 35.66 50.22 -8.93
N ASP C 4 35.57 51.42 -9.41
CA ASP C 4 36.64 51.76 -10.33
C ASP C 4 37.94 52.12 -9.65
N LEU C 5 37.87 52.28 -8.34
CA LEU C 5 39.01 52.53 -7.48
C LEU C 5 38.88 51.62 -6.26
N PRO C 6 39.31 50.34 -6.38
CA PRO C 6 39.19 49.31 -5.32
C PRO C 6 39.81 49.61 -3.96
N GLN C 7 40.82 50.48 -3.93
CA GLN C 7 41.52 50.87 -2.70
C GLN C 7 40.59 51.63 -1.77
N THR C 8 39.78 52.50 -2.37
CA THR C 8 38.68 53.19 -1.69
C THR C 8 37.75 52.23 -0.99
N HIS C 9 37.27 51.23 -1.74
CA HIS C 9 36.12 50.41 -1.34
C HIS C 9 36.43 49.35 -0.28
N SER C 10 37.68 48.89 -0.20
CA SER C 10 38.07 47.88 0.81
C SER C 10 38.41 48.51 2.15
N LEU C 11 38.31 49.83 2.24
CA LEU C 11 38.45 50.55 3.51
C LEU C 11 37.06 50.82 4.05
N GLY C 12 36.97 51.07 5.35
CA GLY C 12 35.75 51.58 5.97
C GLY C 12 35.71 53.10 5.93
N SER C 13 34.52 53.67 5.81
CA SER C 13 34.36 55.12 5.62
C SER C 13 34.72 55.89 6.89
N ARG C 14 35.06 57.17 6.72
CA ARG C 14 35.22 58.05 7.86
C ARG C 14 33.87 58.57 8.36
N ARG C 15 32.96 58.88 7.43
CA ARG C 15 31.61 59.28 7.81
C ARG C 15 30.98 58.32 8.84
N THR C 16 31.27 57.03 8.74
CA THR C 16 30.74 56.06 9.68
C THR C 16 31.08 56.47 11.11
N LEU C 17 32.38 56.60 11.39
CA LEU C 17 32.83 56.95 12.74
C LEU C 17 32.25 58.28 13.19
N MET C 18 32.09 59.18 12.25
CA MET C 18 31.58 60.52 12.52
C MET C 18 30.14 60.46 13.02
N LEU C 19 29.32 59.63 12.37
CA LEU C 19 27.92 59.45 12.72
C LEU C 19 27.79 58.78 14.08
N LEU C 20 28.56 57.71 14.27
CA LEU C 20 28.66 57.05 15.58
C LEU C 20 29.00 58.06 16.67
N ALA C 21 29.91 58.99 16.36
CA ALA C 21 30.28 60.03 17.29
C ALA C 21 29.03 60.78 17.70
N GLN C 22 28.34 61.37 16.74
CA GLN C 22 27.19 62.21 17.03
C GLN C 22 26.10 61.47 17.82
N MET C 23 25.93 60.19 17.55
CA MET C 23 24.93 59.37 18.25
C MET C 23 25.01 59.35 19.78
N ARG C 24 26.18 59.64 20.33
CA ARG C 24 26.38 59.65 21.77
C ARG C 24 25.39 60.58 22.49
N LYS C 25 25.06 60.20 23.73
CA LYS C 25 24.06 60.87 24.54
C LYS C 25 24.63 61.11 25.93
N ILE C 26 24.68 60.06 26.75
CA ILE C 26 25.35 60.12 28.04
C ILE C 26 26.87 60.24 27.80
N SER C 27 27.63 60.65 28.82
CA SER C 27 29.10 60.78 28.69
C SER C 27 29.74 59.40 28.49
N LEU C 28 31.08 59.35 28.42
CA LEU C 28 31.80 58.08 28.20
C LEU C 28 32.38 57.59 29.53
N PHE C 29 32.84 58.55 30.35
CA PHE C 29 33.46 58.26 31.65
C PHE C 29 32.38 58.24 32.74
N SER C 30 31.15 58.46 32.33
CA SER C 30 30.00 58.36 33.21
C SER C 30 29.82 56.87 33.52
N CYS C 31 29.99 56.02 32.51
CA CYS C 31 29.86 54.56 32.67
C CYS C 31 31.19 53.93 33.20
N LEU C 32 31.41 53.98 34.54
CA LEU C 32 32.69 53.59 35.20
C LEU C 32 33.21 52.17 34.96
N LYS C 33 32.72 51.17 35.67
CA LYS C 33 33.22 49.83 35.40
C LYS C 33 32.11 49.00 34.79
N ASP C 34 31.15 49.69 34.18
CA ASP C 34 30.05 49.05 33.48
C ASP C 34 30.48 48.81 32.04
N ARG C 35 31.51 47.96 31.85
CA ARG C 35 32.06 47.70 30.53
C ARG C 35 32.85 46.40 30.51
N HIS C 36 32.79 45.72 29.37
CA HIS C 36 33.41 44.42 29.15
C HIS C 36 34.67 44.69 28.31
N ASP C 37 35.55 43.69 28.25
CA ASP C 37 36.58 43.61 27.21
C ASP C 37 36.00 42.65 26.19
N PHE C 38 35.47 43.19 25.11
CA PHE C 38 34.74 42.41 24.12
C PHE C 38 35.62 41.54 23.20
N GLY C 39 36.94 41.58 23.38
CA GLY C 39 37.86 40.76 22.60
C GLY C 39 37.62 40.81 21.10
N PHE C 40 37.72 42.00 20.51
CA PHE C 40 37.62 42.12 19.09
C PHE C 40 38.86 41.50 18.46
N PRO C 41 38.71 40.80 17.32
CA PRO C 41 39.87 40.23 16.66
C PRO C 41 40.47 41.19 15.64
N GLN C 42 41.41 42.01 16.08
CA GLN C 42 42.03 42.97 15.18
C GLN C 42 42.81 42.27 14.09
N GLU C 43 43.27 41.05 14.36
CA GLU C 43 44.02 40.26 13.38
C GLU C 43 43.34 40.32 12.01
N GLU C 44 42.03 40.25 12.04
CA GLU C 44 41.21 40.24 10.84
C GLU C 44 41.16 41.50 10.05
N PHE C 45 42.12 42.36 10.09
CA PHE C 45 41.86 43.54 9.31
C PHE C 45 43.15 44.30 9.19
N GLY C 46 43.02 45.49 8.64
CA GLY C 46 44.08 46.47 8.51
C GLY C 46 45.43 46.00 7.96
N ASN C 47 45.58 44.73 7.54
CA ASN C 47 46.86 44.33 6.95
C ASN C 47 47.08 45.17 5.70
N GLN C 48 48.19 45.89 5.70
CA GLN C 48 48.47 46.86 4.64
C GLN C 48 48.06 46.48 3.26
N PHE C 49 48.36 45.23 2.92
CA PHE C 49 48.10 44.71 1.63
C PHE C 49 47.25 43.44 1.80
N GLN C 50 46.76 42.87 0.70
CA GLN C 50 45.96 41.67 0.89
C GLN C 50 44.58 42.08 1.37
N LYS C 51 44.23 43.25 0.86
CA LYS C 51 42.93 43.79 1.09
C LYS C 51 42.06 43.20 -0.01
N ALA C 52 42.40 41.95 -0.33
CA ALA C 52 41.67 41.14 -1.25
C ALA C 52 40.94 40.15 -0.36
N GLU C 53 41.67 39.70 0.64
CA GLU C 53 41.21 38.74 1.63
C GLU C 53 40.18 39.37 2.53
N THR C 54 40.30 40.68 2.61
CA THR C 54 39.57 41.56 3.51
C THR C 54 38.11 41.91 3.16
N ILE C 55 37.82 42.09 1.85
CA ILE C 55 36.51 42.56 1.42
C ILE C 55 35.34 41.91 2.14
N PRO C 56 35.26 40.56 2.12
CA PRO C 56 34.17 39.86 2.83
C PRO C 56 34.20 40.01 4.36
N VAL C 57 35.38 40.20 4.94
CA VAL C 57 35.45 40.40 6.39
C VAL C 57 34.86 41.77 6.73
N LEU C 58 35.15 42.78 5.91
CA LEU C 58 34.56 44.09 6.10
C LEU C 58 33.05 44.07 5.79
N HIS C 59 32.67 43.26 4.80
CA HIS C 59 31.26 43.09 4.40
C HIS C 59 30.42 42.56 5.57
N GLU C 60 30.92 41.57 6.30
CA GLU C 60 30.12 40.97 7.36
C GLU C 60 30.11 41.83 8.62
N MET C 61 31.27 42.43 8.93
CA MET C 61 31.36 43.45 9.97
C MET C 61 30.28 44.50 9.79
N ILE C 62 30.11 45.02 8.58
CA ILE C 62 29.13 46.09 8.36
C ILE C 62 27.71 45.53 8.44
N GLN C 63 27.49 44.39 7.79
CA GLN C 63 26.20 43.72 7.91
C GLN C 63 25.88 43.53 9.40
N GLN C 64 26.89 43.19 10.20
CA GLN C 64 26.73 43.02 11.67
C GLN C 64 26.36 44.32 12.40
N ILE C 65 27.17 45.35 12.20
CA ILE C 65 26.88 46.69 12.75
C ILE C 65 25.44 47.06 12.42
N PHE C 66 25.07 46.88 11.15
CA PHE C 66 23.72 47.20 10.73
C PHE C 66 22.67 46.41 11.53
N ASN C 67 22.86 45.11 11.65
CA ASN C 67 21.86 44.27 12.30
C ASN C 67 21.71 44.61 13.78
N LEU C 68 22.84 44.95 14.40
CA LEU C 68 22.90 45.35 15.81
C LEU C 68 22.12 46.66 16.03
N PHE C 69 22.34 47.61 15.13
CA PHE C 69 21.72 48.94 15.23
C PHE C 69 20.39 49.05 14.50
N SER C 70 19.88 47.93 14.01
CA SER C 70 18.60 47.89 13.33
C SER C 70 17.49 47.25 14.18
N THR C 71 17.82 46.79 15.39
CA THR C 71 16.84 46.16 16.27
C THR C 71 15.86 47.17 16.84
N LYS C 72 14.74 46.68 17.37
CA LYS C 72 13.79 47.53 18.11
C LYS C 72 14.50 48.25 19.26
N ASP C 73 15.44 47.56 19.87
CA ASP C 73 16.21 48.11 20.99
C ASP C 73 17.07 49.28 20.56
N SER C 74 17.81 49.11 19.48
CA SER C 74 18.65 50.19 18.98
C SER C 74 17.80 51.39 18.65
N SER C 75 16.61 51.13 18.12
CA SER C 75 15.72 52.19 17.73
C SER C 75 15.26 52.96 18.96
N ALA C 76 15.01 52.25 20.06
CA ALA C 76 14.73 52.89 21.34
C ALA C 76 15.96 53.65 21.84
N ALA C 77 17.13 53.04 21.76
CA ALA C 77 18.32 53.59 22.41
C ALA C 77 18.82 54.90 21.78
N TRP C 78 18.70 55.01 20.45
CA TRP C 78 19.35 56.10 19.72
C TRP C 78 18.38 56.96 18.91
N ASP C 79 18.85 58.14 18.55
CA ASP C 79 18.07 59.10 17.76
C ASP C 79 17.64 58.50 16.41
N GLU C 80 16.36 58.67 16.09
CA GLU C 80 15.76 58.22 14.83
C GLU C 80 16.55 58.73 13.60
N THR C 81 16.90 60.01 13.62
CA THR C 81 17.47 60.70 12.46
C THR C 81 18.91 60.34 12.23
N LEU C 82 19.68 60.19 13.29
CA LEU C 82 21.06 59.78 13.13
C LEU C 82 21.12 58.33 12.63
N LEU C 83 20.27 57.46 13.21
CA LEU C 83 20.18 56.06 12.79
C LEU C 83 19.89 55.93 11.29
N ASP C 84 19.05 56.81 10.75
CA ASP C 84 18.73 56.78 9.31
C ASP C 84 19.96 57.18 8.50
N LYS C 85 20.69 58.20 8.98
CA LYS C 85 21.95 58.58 8.33
C LYS C 85 22.98 57.46 8.46
N PHE C 86 23.00 56.81 9.62
CA PHE C 86 23.90 55.67 9.89
C PHE C 86 23.66 54.51 8.96
N TYR C 87 22.39 54.16 8.74
CA TYR C 87 22.06 53.04 7.87
C TYR C 87 22.42 53.35 6.45
N THR C 88 22.28 54.62 6.07
CA THR C 88 22.58 55.04 4.72
C THR C 88 24.06 54.89 4.41
N GLU C 89 24.88 55.25 5.39
CA GLU C 89 26.31 55.11 5.25
C GLU C 89 26.70 53.64 5.22
N LEU C 90 26.20 52.88 6.18
CA LEU C 90 26.46 51.44 6.23
C LEU C 90 26.04 50.80 4.90
N TYR C 91 24.83 51.13 4.45
CA TYR C 91 24.32 50.64 3.17
C TYR C 91 25.26 50.95 2.03
N GLN C 92 25.85 52.14 2.08
CA GLN C 92 26.73 52.58 1.01
C GLN C 92 27.93 51.63 0.88
N GLN C 93 28.57 51.35 2.01
CA GLN C 93 29.75 50.52 1.99
C GLN C 93 29.47 49.11 1.50
N LEU C 94 28.37 48.52 1.96
CA LEU C 94 27.95 47.21 1.45
C LEU C 94 27.74 47.27 -0.08
N ASN C 95 26.98 48.28 -0.51
CA ASN C 95 26.72 48.52 -1.93
C ASN C 95 28.01 48.63 -2.72
N ASP C 96 29.01 49.24 -2.11
CA ASP C 96 30.30 49.46 -2.76
C ASP C 96 31.15 48.21 -2.81
N LEU C 97 31.25 47.52 -1.67
CA LEU C 97 31.93 46.22 -1.58
C LEU C 97 31.30 45.22 -2.57
N GLU C 98 29.97 45.21 -2.61
CA GLU C 98 29.25 44.28 -3.46
C GLU C 98 29.49 44.59 -4.93
N ALA C 99 29.74 45.86 -5.23
CA ALA C 99 30.07 46.29 -6.57
C ALA C 99 31.34 45.61 -7.08
N CYS C 100 32.39 45.65 -6.26
CA CYS C 100 33.67 45.08 -6.62
C CYS C 100 33.54 43.59 -6.89
N VAL C 101 32.82 42.94 -6.01
CA VAL C 101 32.62 41.52 -6.14
C VAL C 101 31.86 41.18 -7.43
N ILE C 102 30.85 41.98 -7.77
CA ILE C 102 30.01 41.63 -8.92
C ILE C 102 30.78 41.87 -10.24
N GLN C 103 31.89 42.59 -10.16
CA GLN C 103 32.74 42.83 -11.32
C GLN C 103 34.11 42.12 -11.21
N GLY C 104 34.17 41.06 -10.41
CA GLY C 104 35.39 40.27 -10.30
C GLY C 104 36.58 40.90 -9.59
N VAL C 105 36.31 41.84 -8.69
CA VAL C 105 37.34 42.45 -7.84
C VAL C 105 37.12 41.98 -6.39
N GLY C 106 38.13 41.36 -5.81
CA GLY C 106 38.02 40.87 -4.43
C GLY C 106 37.07 39.70 -4.26
N VAL C 107 37.04 38.82 -5.26
CA VAL C 107 36.20 37.63 -5.20
C VAL C 107 36.94 36.53 -4.46
N THR C 108 36.45 36.14 -3.29
CA THR C 108 37.05 35.08 -2.47
C THR C 108 37.01 33.73 -3.19
N GLU C 109 38.18 33.13 -3.41
CA GLU C 109 38.30 31.83 -4.08
C GLU C 109 39.15 30.83 -3.29
N THR C 110 39.30 31.06 -1.99
CA THR C 110 40.17 30.23 -1.16
C THR C 110 39.36 29.14 -0.46
N PRO C 111 40.04 28.06 -0.04
CA PRO C 111 39.33 26.89 0.45
C PRO C 111 38.34 27.19 1.57
N LEU C 112 38.76 28.00 2.54
CA LEU C 112 37.91 28.30 3.69
C LEU C 112 36.87 29.38 3.36
N MET C 113 37.01 30.03 2.20
CA MET C 113 36.18 31.17 1.83
C MET C 113 36.16 32.25 2.92
N LYS C 114 37.29 32.39 3.61
CA LYS C 114 37.46 33.35 4.70
C LYS C 114 36.45 33.18 5.84
N GLU C 115 35.92 31.97 5.99
CA GLU C 115 34.84 31.74 6.96
C GLU C 115 35.33 31.79 8.40
N ASP C 116 36.50 31.23 8.67
CA ASP C 116 37.10 31.31 10.00
C ASP C 116 37.12 32.76 10.50
N SER C 117 37.51 33.66 9.61
CA SER C 117 37.63 35.08 9.89
C SER C 117 36.25 35.70 10.14
N ILE C 118 35.28 35.29 9.32
CA ILE C 118 33.89 35.71 9.48
C ILE C 118 33.38 35.26 10.85
N LEU C 119 33.54 33.99 11.16
CA LEU C 119 33.07 33.45 12.42
C LEU C 119 33.62 34.29 13.56
N ALA C 120 34.87 34.72 13.41
CA ALA C 120 35.53 35.53 14.43
C ALA C 120 34.75 36.81 14.69
N VAL C 121 34.51 37.56 13.62
CA VAL C 121 33.73 38.80 13.71
C VAL C 121 32.36 38.50 14.33
N ARG C 122 31.77 37.37 13.94
CA ARG C 122 30.44 37.00 14.39
C ARG C 122 30.39 36.75 15.86
N LYS C 123 31.36 35.98 16.37
CA LYS C 123 31.45 35.71 17.81
C LYS C 123 31.60 37.03 18.58
N TYR C 124 32.39 37.94 18.02
CA TYR C 124 32.56 39.28 18.59
C TYR C 124 31.23 40.05 18.75
N PHE C 125 30.32 39.89 17.80
CA PHE C 125 29.01 40.52 17.90
C PHE C 125 28.00 39.74 18.78
N GLN C 126 28.10 38.40 18.82
CA GLN C 126 27.23 37.60 19.71
C GLN C 126 27.49 37.96 21.17
N ARG C 127 28.72 38.36 21.46
CA ARG C 127 29.09 38.87 22.78
C ARG C 127 28.53 40.27 23.02
N ILE C 128 28.64 41.14 22.01
CA ILE C 128 28.08 42.48 22.14
C ILE C 128 26.60 42.34 22.48
N THR C 129 25.90 41.52 21.70
CA THR C 129 24.49 41.23 21.95
C THR C 129 24.24 40.68 23.35
N LEU C 130 25.02 39.66 23.74
CA LEU C 130 24.86 39.03 25.04
C LEU C 130 25.02 40.05 26.16
N TYR C 131 25.90 41.01 25.95
CA TYR C 131 26.15 42.08 26.90
C TYR C 131 24.92 42.97 27.09
N LEU C 132 24.33 43.41 26.00
CA LEU C 132 23.16 44.29 26.09
C LEU C 132 21.99 43.56 26.76
N LYS C 133 21.81 42.28 26.42
CA LYS C 133 20.81 41.44 27.07
C LYS C 133 21.09 41.33 28.57
N GLU C 134 22.31 40.95 28.90
CA GLU C 134 22.74 40.78 30.30
C GLU C 134 22.61 42.08 31.10
N LYS C 135 22.85 43.21 30.45
CA LYS C 135 22.72 44.54 31.08
C LYS C 135 21.36 45.18 30.74
N LYS C 136 20.33 44.38 30.53
CA LYS C 136 18.98 44.90 30.25
C LYS C 136 19.00 46.21 29.46
N TYR C 137 19.81 46.22 28.39
CA TYR C 137 19.96 47.36 27.45
C TYR C 137 19.99 48.76 28.10
N SER C 138 20.68 48.88 29.23
CA SER C 138 20.81 50.16 29.95
C SER C 138 21.49 51.24 29.10
N PRO C 139 21.27 52.53 29.45
CA PRO C 139 21.95 53.59 28.71
C PRO C 139 23.45 53.41 28.65
N CYS C 140 24.04 53.02 29.79
CA CYS C 140 25.47 52.75 29.91
C CYS C 140 25.91 51.60 29.02
N ALA C 141 25.23 50.46 29.14
CA ALA C 141 25.54 49.27 28.34
C ALA C 141 25.62 49.67 26.87
N TRP C 142 24.66 50.47 26.44
CA TRP C 142 24.63 50.94 25.06
C TRP C 142 25.80 51.86 24.73
N GLU C 143 26.13 52.78 25.65
CA GLU C 143 27.20 53.74 25.42
C GLU C 143 28.55 53.02 25.30
N VAL C 144 28.77 52.04 26.17
CA VAL C 144 29.92 51.16 26.05
C VAL C 144 29.98 50.50 24.66
N VAL C 145 28.86 49.92 24.22
CA VAL C 145 28.75 49.28 22.90
C VAL C 145 29.03 50.25 21.75
N ARG C 146 28.41 51.43 21.81
CA ARG C 146 28.62 52.44 20.80
C ARG C 146 30.11 52.82 20.68
N ALA C 147 30.74 53.07 21.83
CA ALA C 147 32.14 53.44 21.83
C ALA C 147 33.00 52.27 21.37
N GLU C 148 32.53 51.06 21.65
CA GLU C 148 33.28 49.86 21.31
C GLU C 148 33.28 49.63 19.81
N ILE C 149 32.10 49.66 19.20
CA ILE C 149 31.98 49.48 17.74
C ILE C 149 32.81 50.55 17.04
N MET C 150 32.81 51.76 17.58
CA MET C 150 33.53 52.86 16.95
C MET C 150 35.02 52.55 16.92
N ARG C 151 35.56 52.20 18.08
CA ARG C 151 36.93 51.68 18.19
C ARG C 151 37.15 50.51 17.23
N SER C 152 36.31 49.48 17.33
CA SER C 152 36.38 48.29 16.48
C SER C 152 36.45 48.62 15.00
N PHE C 153 35.42 49.31 14.52
CA PHE C 153 35.28 49.68 13.12
C PHE C 153 36.44 50.54 12.61
N SER C 154 37.05 51.33 13.49
CA SER C 154 38.17 52.18 13.08
C SER C 154 39.33 51.40 12.52
N LEU C 155 39.57 50.21 13.07
CA LEU C 155 40.60 49.31 12.55
C LEU C 155 40.40 48.98 11.06
N SER C 156 39.16 49.02 10.58
CA SER C 156 38.84 48.76 9.17
C SER C 156 39.06 49.96 8.25
N THR C 157 39.58 51.05 8.79
CA THR C 157 39.61 52.33 8.07
C THR C 157 41.03 52.89 7.86
N ASN C 158 41.10 54.13 7.38
CA ASN C 158 42.38 54.81 7.08
C ASN C 158 43.16 55.37 8.28
N LEU C 159 42.54 55.37 9.46
CA LEU C 159 43.10 56.05 10.62
C LEU C 159 44.20 55.24 11.28
N THR D 1 -4.05 -57.58 21.29
CA THR D 1 -5.26 -57.09 20.56
C THR D 1 -6.12 -56.14 21.42
N SER D 2 -5.86 -56.16 22.70
CA SER D 2 -6.53 -55.29 23.70
C SER D 2 -5.70 -55.11 24.98
N CYS D 3 -4.40 -55.26 24.80
CA CYS D 3 -3.38 -55.25 25.87
C CYS D 3 -3.72 -56.00 27.14
N ASP D 4 -4.48 -57.06 27.11
CA ASP D 4 -4.74 -57.71 28.37
C ASP D 4 -3.50 -58.08 29.15
N LEU D 5 -2.55 -58.69 28.42
CA LEU D 5 -1.26 -59.04 28.99
C LEU D 5 -0.15 -58.26 28.25
N PRO D 6 0.32 -57.13 28.84
CA PRO D 6 1.44 -56.34 28.29
C PRO D 6 2.72 -57.14 27.98
N GLN D 7 3.01 -58.14 28.79
CA GLN D 7 4.15 -59.04 28.55
C GLN D 7 4.03 -59.69 27.16
N THR D 8 2.82 -60.17 26.86
CA THR D 8 2.44 -60.73 25.56
C THR D 8 2.71 -59.83 24.34
N HIS D 9 2.54 -58.52 24.49
CA HIS D 9 2.52 -57.62 23.33
C HIS D 9 3.90 -57.10 22.89
N SER D 10 4.87 -57.12 23.81
CA SER D 10 6.28 -56.93 23.46
C SER D 10 6.86 -58.24 22.94
N LEU D 11 6.24 -59.37 23.27
CA LEU D 11 6.70 -60.68 22.80
C LEU D 11 6.37 -60.90 21.32
N GLY D 12 7.41 -61.19 20.53
CA GLY D 12 7.28 -61.29 19.09
C GLY D 12 6.79 -62.64 18.66
N SER D 13 6.33 -62.72 17.42
CA SER D 13 5.73 -63.95 16.89
C SER D 13 6.76 -64.85 16.24
N ARG D 14 6.71 -66.14 16.57
CA ARG D 14 7.61 -67.14 15.98
C ARG D 14 7.34 -67.33 14.48
N ARG D 15 6.14 -66.98 14.03
CA ARG D 15 5.82 -66.96 12.60
C ARG D 15 6.66 -65.98 11.82
N THR D 16 6.83 -64.78 12.37
CA THR D 16 7.70 -63.78 11.76
C THR D 16 9.08 -64.35 11.47
N LEU D 17 9.64 -65.11 12.41
CA LEU D 17 10.88 -65.82 12.17
C LEU D 17 10.72 -66.85 11.05
N MET D 18 9.66 -67.64 11.12
CA MET D 18 9.39 -68.67 10.12
C MET D 18 9.31 -68.08 8.70
N LEU D 19 8.53 -67.02 8.54
CA LEU D 19 8.43 -66.32 7.26
C LEU D 19 9.81 -65.84 6.76
N LEU D 20 10.58 -65.18 7.64
CA LEU D 20 11.95 -64.75 7.31
C LEU D 20 12.81 -65.92 6.85
N ALA D 21 12.77 -67.03 7.58
CA ALA D 21 13.50 -68.22 7.17
C ALA D 21 13.06 -68.62 5.76
N GLN D 22 11.74 -68.68 5.53
CA GLN D 22 11.20 -69.04 4.21
C GLN D 22 11.67 -68.10 3.08
N MET D 23 11.86 -66.82 3.36
CA MET D 23 12.29 -65.86 2.33
C MET D 23 13.69 -66.15 1.71
N ARG D 24 14.54 -66.87 2.44
CA ARG D 24 15.92 -67.08 1.98
C ARG D 24 15.98 -67.67 0.57
N LYS D 25 16.91 -67.17 -0.24
CA LYS D 25 17.10 -67.64 -1.62
C LYS D 25 18.49 -68.24 -1.81
N ILE D 26 19.52 -67.51 -1.39
CA ILE D 26 20.91 -68.00 -1.45
C ILE D 26 21.45 -68.30 -0.04
N SER D 27 22.40 -69.23 0.03
CA SER D 27 23.01 -69.59 1.31
C SER D 27 24.01 -68.53 1.78
N LEU D 28 23.98 -68.23 3.07
CA LEU D 28 24.84 -67.20 3.66
C LEU D 28 26.34 -67.58 3.61
N PHE D 29 26.66 -68.87 3.58
CA PHE D 29 28.07 -69.31 3.38
C PHE D 29 28.50 -69.11 1.93
N SER D 30 27.57 -68.68 1.07
CA SER D 30 27.91 -68.27 -0.28
C SER D 30 28.46 -66.84 -0.28
N CYS D 31 27.98 -66.01 0.65
CA CYS D 31 28.27 -64.57 0.64
C CYS D 31 29.29 -64.12 1.68
N LEU D 32 30.31 -64.94 1.91
CA LEU D 32 31.35 -64.63 2.90
C LEU D 32 32.06 -63.32 2.57
N LYS D 33 32.54 -62.65 3.62
CA LYS D 33 33.24 -61.35 3.52
C LYS D 33 32.55 -60.35 2.57
N ASP D 34 31.25 -60.57 2.39
CA ASP D 34 30.39 -59.62 1.73
C ASP D 34 29.30 -59.32 2.76
N ARG D 35 29.73 -59.01 3.97
CA ARG D 35 28.83 -58.73 5.09
C ARG D 35 29.43 -57.65 5.98
N HIS D 36 28.59 -56.68 6.36
CA HIS D 36 28.95 -55.65 7.34
C HIS D 36 28.54 -56.21 8.71
N ASP D 37 29.05 -55.60 9.77
CA ASP D 37 28.47 -55.76 11.10
C ASP D 37 27.71 -54.47 11.37
N PHE D 38 26.42 -54.59 11.63
CA PHE D 38 25.58 -53.40 11.66
C PHE D 38 25.47 -52.71 13.04
N GLY D 39 26.27 -53.15 14.02
CA GLY D 39 26.30 -52.51 15.33
C GLY D 39 24.92 -52.31 15.92
N PHE D 40 24.13 -53.38 15.94
CA PHE D 40 22.76 -53.31 16.42
C PHE D 40 22.75 -52.95 17.90
N PRO D 41 21.95 -51.95 18.29
CA PRO D 41 21.88 -51.58 19.70
C PRO D 41 20.94 -52.49 20.49
N GLN D 42 21.47 -53.62 20.94
CA GLN D 42 20.70 -54.53 21.78
C GLN D 42 20.48 -53.94 23.17
N GLU D 43 21.28 -52.94 23.53
CA GLU D 43 21.16 -52.24 24.80
C GLU D 43 19.72 -51.76 25.07
N GLU D 44 18.98 -51.42 24.01
CA GLU D 44 17.66 -50.80 24.14
C GLU D 44 16.50 -51.79 24.31
N PHE D 45 16.79 -53.08 24.50
CA PHE D 45 15.73 -54.09 24.56
C PHE D 45 15.99 -55.12 25.66
N GLY D 46 15.12 -56.12 25.73
CA GLY D 46 15.39 -57.35 26.46
C GLY D 46 15.56 -57.25 27.97
N ASN D 47 15.61 -56.02 28.51
CA ASN D 47 15.80 -55.85 29.94
C ASN D 47 14.61 -56.37 30.72
N GLN D 48 14.84 -57.45 31.44
CA GLN D 48 13.82 -58.11 32.23
C GLN D 48 12.75 -57.18 32.74
N PHE D 49 13.09 -56.50 33.81
CA PHE D 49 12.19 -55.65 34.55
C PHE D 49 11.34 -54.56 33.83
N GLN D 50 11.86 -53.93 32.76
CA GLN D 50 11.13 -52.93 31.99
C GLN D 50 10.48 -53.60 30.82
N LYS D 51 9.95 -52.72 30.03
CA LYS D 51 9.22 -53.01 28.85
C LYS D 51 8.36 -51.79 28.64
N ALA D 52 7.89 -51.36 29.81
CA ALA D 52 7.10 -50.16 30.02
C ALA D 52 7.86 -49.03 29.34
N GLU D 53 9.17 -49.21 29.32
CA GLU D 53 10.05 -48.32 28.64
C GLU D 53 10.17 -48.74 27.17
N THR D 54 10.36 -50.03 26.92
CA THR D 54 10.62 -50.57 25.57
C THR D 54 9.55 -50.34 24.48
N ILE D 55 8.27 -50.36 24.83
CA ILE D 55 7.19 -50.30 23.85
C ILE D 55 7.44 -49.35 22.68
N PRO D 56 7.72 -48.07 22.97
CA PRO D 56 8.03 -47.12 21.89
C PRO D 56 9.27 -47.50 21.08
N VAL D 57 10.28 -48.05 21.74
CA VAL D 57 11.49 -48.44 21.00
C VAL D 57 11.17 -49.65 20.14
N LEU D 58 10.46 -50.62 20.70
CA LEU D 58 10.04 -51.78 19.91
C LEU D 58 9.05 -51.38 18.85
N HIS D 59 8.19 -50.40 19.13
CA HIS D 59 7.28 -49.85 18.13
C HIS D 59 8.08 -49.44 16.90
N GLU D 60 9.09 -48.58 17.08
CA GLU D 60 9.83 -48.03 15.92
C GLU D 60 10.69 -49.07 15.22
N MET D 61 11.18 -50.04 15.99
CA MET D 61 11.93 -51.17 15.45
C MET D 61 11.12 -51.85 14.36
N ILE D 62 9.88 -52.22 14.69
CA ILE D 62 8.97 -52.87 13.75
C ILE D 62 8.56 -51.91 12.61
N GLN D 63 8.25 -50.67 12.96
CA GLN D 63 7.91 -49.70 11.93
C GLN D 63 9.06 -49.60 10.90
N GLN D 64 10.30 -49.79 11.37
CA GLN D 64 11.49 -49.71 10.51
C GLN D 64 11.64 -50.94 9.64
N ILE D 65 11.44 -52.12 10.23
CA ILE D 65 11.52 -53.37 9.47
C ILE D 65 10.48 -53.31 8.37
N PHE D 66 9.28 -52.91 8.72
CA PHE D 66 8.22 -52.75 7.72
C PHE D 66 8.69 -51.82 6.60
N ASN D 67 9.15 -50.63 6.97
CA ASN D 67 9.65 -49.68 5.99
C ASN D 67 10.78 -50.26 5.13
N LEU D 68 11.74 -50.92 5.78
CA LEU D 68 12.87 -51.55 5.09
C LEU D 68 12.40 -52.54 4.03
N PHE D 69 11.38 -53.32 4.39
CA PHE D 69 10.85 -54.38 3.53
C PHE D 69 9.63 -53.99 2.70
N SER D 70 9.31 -52.70 2.62
CA SER D 70 8.24 -52.20 1.73
C SER D 70 8.80 -51.40 0.55
N THR D 71 10.13 -51.36 0.42
CA THR D 71 10.79 -50.67 -0.67
C THR D 71 10.60 -51.44 -1.98
N LYS D 72 10.52 -50.71 -3.10
CA LYS D 72 10.45 -51.34 -4.42
C LYS D 72 11.61 -52.32 -4.54
N ASP D 73 12.73 -51.95 -3.92
CA ASP D 73 13.87 -52.84 -3.82
C ASP D 73 13.58 -54.17 -3.13
N SER D 74 12.93 -54.10 -1.97
CA SER D 74 12.58 -55.31 -1.22
C SER D 74 11.61 -56.17 -2.00
N SER D 75 10.76 -55.51 -2.78
CA SER D 75 9.78 -56.22 -3.58
C SER D 75 10.44 -56.99 -4.72
N ALA D 76 11.59 -56.52 -5.19
CA ALA D 76 12.37 -57.26 -6.19
C ALA D 76 13.03 -58.50 -5.58
N ALA D 77 13.61 -58.32 -4.39
CA ALA D 77 14.46 -59.32 -3.73
C ALA D 77 13.72 -60.59 -3.32
N TRP D 78 12.49 -60.42 -2.83
CA TRP D 78 11.78 -61.48 -2.10
C TRP D 78 10.42 -61.76 -2.68
N ASP D 79 9.88 -62.94 -2.36
CA ASP D 79 8.58 -63.37 -2.87
C ASP D 79 7.45 -62.50 -2.32
N GLU D 80 6.57 -62.06 -3.21
CA GLU D 80 5.35 -61.35 -2.84
C GLU D 80 4.59 -62.00 -1.70
N THR D 81 4.26 -63.29 -1.87
CA THR D 81 3.36 -63.99 -0.94
C THR D 81 3.90 -64.02 0.48
N LEU D 82 5.19 -64.31 0.63
CA LEU D 82 5.84 -64.21 1.93
C LEU D 82 5.84 -62.77 2.46
N LEU D 83 6.28 -61.82 1.63
CA LEU D 83 6.29 -60.41 2.04
C LEU D 83 4.94 -59.95 2.59
N ASP D 84 3.83 -60.40 1.98
CA ASP D 84 2.51 -60.05 2.50
C ASP D 84 2.31 -60.60 3.91
N LYS D 85 2.53 -61.90 4.04
CA LYS D 85 2.43 -62.57 5.32
C LYS D 85 3.31 -61.89 6.39
N PHE D 86 4.48 -61.41 5.97
CA PHE D 86 5.44 -60.72 6.83
C PHE D 86 4.85 -59.41 7.37
N TYR D 87 4.37 -58.55 6.46
CA TYR D 87 3.73 -57.29 6.86
C TYR D 87 2.56 -57.53 7.81
N THR D 88 1.72 -58.53 7.51
CA THR D 88 0.61 -58.87 8.40
C THR D 88 1.07 -59.10 9.84
N GLU D 89 2.21 -59.78 9.97
CA GLU D 89 2.76 -60.10 11.26
C GLU D 89 3.31 -58.83 11.91
N LEU D 90 4.02 -58.04 11.11
CA LEU D 90 4.50 -56.73 11.57
C LEU D 90 3.33 -55.83 11.95
N TYR D 91 2.36 -55.72 11.05
CA TYR D 91 1.13 -54.98 11.33
C TYR D 91 0.54 -55.44 12.65
N GLN D 92 0.44 -56.75 12.81
CA GLN D 92 -0.12 -57.31 14.02
C GLN D 92 0.62 -56.76 15.23
N GLN D 93 1.96 -56.87 15.23
CA GLN D 93 2.71 -56.42 16.37
C GLN D 93 2.53 -54.92 16.67
N LEU D 94 2.62 -54.08 15.65
CA LEU D 94 2.40 -52.67 15.81
C LEU D 94 1.01 -52.44 16.44
N ASN D 95 0.02 -53.21 15.96
CA ASN D 95 -1.36 -53.05 16.40
C ASN D 95 -1.51 -53.35 17.88
N ASP D 96 -0.81 -54.37 18.32
CA ASP D 96 -0.87 -54.75 19.72
C ASP D 96 -0.23 -53.70 20.59
N LEU D 97 0.97 -53.26 20.21
CA LEU D 97 1.68 -52.20 20.92
C LEU D 97 0.77 -50.97 21.08
N GLU D 98 0.18 -50.55 19.98
CA GLU D 98 -0.69 -49.38 19.98
C GLU D 98 -1.94 -49.57 20.84
N ALA D 99 -2.42 -50.81 20.95
CA ALA D 99 -3.54 -51.14 21.86
C ALA D 99 -3.20 -50.77 23.30
N CYS D 100 -2.01 -51.21 23.73
CA CYS D 100 -1.47 -50.88 25.04
C CYS D 100 -1.34 -49.37 25.23
N VAL D 101 -0.72 -48.69 24.28
CA VAL D 101 -0.46 -47.26 24.43
C VAL D 101 -1.78 -46.49 24.53
N ILE D 102 -2.79 -46.89 23.75
CA ILE D 102 -4.11 -46.30 23.84
C ILE D 102 -4.72 -46.54 25.21
N GLN D 103 -4.35 -47.64 25.85
CA GLN D 103 -4.91 -47.99 27.17
C GLN D 103 -3.99 -47.69 28.36
N GLY D 104 -3.06 -46.77 28.16
CA GLY D 104 -2.24 -46.29 29.28
C GLY D 104 -0.93 -47.01 29.52
N VAL D 105 -0.75 -48.18 28.89
CA VAL D 105 0.43 -48.99 29.13
C VAL D 105 1.54 -48.68 28.13
N GLY D 106 2.71 -48.35 28.67
CA GLY D 106 3.87 -48.00 27.88
C GLY D 106 3.96 -46.51 27.58
N VAL D 107 2.91 -45.75 27.95
CA VAL D 107 2.85 -44.32 27.63
C VAL D 107 4.04 -43.62 28.26
N THR D 108 4.97 -43.19 27.44
CA THR D 108 6.19 -42.59 27.94
C THR D 108 5.94 -41.12 28.33
N GLU D 109 6.35 -40.77 29.55
CA GLU D 109 6.01 -39.50 30.17
C GLU D 109 7.22 -38.59 30.49
N THR D 110 8.44 -38.99 30.10
CA THR D 110 9.65 -38.15 30.34
C THR D 110 9.89 -37.12 29.21
N PRO D 111 10.41 -35.94 29.58
CA PRO D 111 10.90 -34.96 28.59
C PRO D 111 11.58 -35.62 27.37
N LEU D 112 12.53 -36.52 27.62
CA LEU D 112 13.29 -37.20 26.56
C LEU D 112 12.41 -38.06 25.64
N MET D 113 11.35 -38.65 26.21
CA MET D 113 10.38 -39.46 25.45
C MET D 113 11.00 -40.66 24.74
N LYS D 114 12.12 -41.16 25.28
CA LYS D 114 12.80 -42.33 24.75
C LYS D 114 13.39 -42.10 23.35
N GLU D 115 13.65 -40.84 23.02
CA GLU D 115 14.14 -40.50 21.70
C GLU D 115 15.56 -41.01 21.48
N ASP D 116 16.45 -40.83 22.47
CA ASP D 116 17.82 -41.32 22.32
C ASP D 116 17.83 -42.77 21.83
N SER D 117 16.99 -43.61 22.45
CA SER D 117 16.85 -45.02 22.11
C SER D 117 16.27 -45.29 20.71
N ILE D 118 15.34 -44.45 20.28
CA ILE D 118 14.79 -44.60 18.94
C ILE D 118 15.82 -44.19 17.90
N LEU D 119 16.48 -43.05 18.12
CA LEU D 119 17.54 -42.60 17.22
C LEU D 119 18.54 -43.74 17.02
N ALA D 120 18.86 -44.45 18.11
CA ALA D 120 19.75 -45.62 18.07
C ALA D 120 19.29 -46.63 17.03
N VAL D 121 17.99 -46.96 17.08
CA VAL D 121 17.39 -47.89 16.14
C VAL D 121 17.33 -47.28 14.75
N ARG D 122 17.01 -45.99 14.69
CA ARG D 122 16.97 -45.27 13.41
C ARG D 122 18.31 -45.36 12.72
N LYS D 123 19.38 -45.10 13.47
CA LYS D 123 20.72 -45.14 12.91
C LYS D 123 21.07 -46.56 12.46
N TYR D 124 20.64 -47.55 13.25
CA TYR D 124 20.90 -48.95 12.91
C TYR D 124 20.32 -49.29 11.54
N PHE D 125 19.14 -48.75 11.24
CA PHE D 125 18.49 -49.00 9.95
C PHE D 125 19.06 -48.15 8.80
N GLN D 126 19.54 -46.94 9.11
CA GLN D 126 20.17 -46.09 8.10
C GLN D 126 21.39 -46.81 7.53
N ARG D 127 22.16 -47.43 8.43
CA ARG D 127 23.28 -48.28 8.06
C ARG D 127 22.87 -49.40 7.09
N ILE D 128 21.83 -50.13 7.47
CA ILE D 128 21.31 -51.22 6.64
C ILE D 128 20.99 -50.73 5.23
N THR D 129 20.37 -49.56 5.12
CA THR D 129 20.08 -48.97 3.82
C THR D 129 21.32 -48.54 3.05
N LEU D 130 22.20 -47.74 3.67
CA LEU D 130 23.44 -47.34 2.99
C LEU D 130 24.13 -48.56 2.43
N TYR D 131 24.23 -49.61 3.25
CA TYR D 131 24.86 -50.86 2.84
C TYR D 131 24.22 -51.40 1.57
N LEU D 132 22.90 -51.51 1.56
CA LEU D 132 22.17 -52.03 0.39
C LEU D 132 22.43 -51.19 -0.86
N LYS D 133 22.34 -49.86 -0.71
CA LYS D 133 22.70 -48.93 -1.78
C LYS D 133 24.13 -49.17 -2.23
N GLU D 134 25.05 -49.15 -1.27
CA GLU D 134 26.48 -49.29 -1.54
C GLU D 134 26.84 -50.62 -2.18
N LYS D 135 26.09 -51.68 -1.81
CA LYS D 135 26.23 -53.01 -2.45
C LYS D 135 25.35 -53.17 -3.71
N LYS D 136 24.58 -52.14 -4.06
CA LYS D 136 23.73 -52.16 -5.27
C LYS D 136 22.66 -53.27 -5.19
N TYR D 137 22.01 -53.38 -4.04
CA TYR D 137 20.93 -54.36 -3.77
C TYR D 137 21.19 -55.77 -4.35
N SER D 138 22.40 -56.26 -4.13
CA SER D 138 22.80 -57.58 -4.61
C SER D 138 22.09 -58.66 -3.81
N PRO D 139 21.98 -59.88 -4.38
CA PRO D 139 21.32 -60.99 -3.67
C PRO D 139 21.99 -61.35 -2.35
N CYS D 140 23.33 -61.26 -2.32
CA CYS D 140 24.12 -61.42 -1.08
C CYS D 140 23.81 -60.35 -0.06
N ALA D 141 23.88 -59.09 -0.47
CA ALA D 141 23.62 -57.95 0.41
C ALA D 141 22.26 -58.11 1.07
N TRP D 142 21.27 -58.48 0.26
CA TRP D 142 19.94 -58.79 0.76
C TRP D 142 19.92 -60.03 1.67
N GLU D 143 20.74 -61.04 1.37
CA GLU D 143 20.85 -62.20 2.26
C GLU D 143 21.44 -61.82 3.62
N VAL D 144 22.51 -61.03 3.57
CA VAL D 144 23.17 -60.53 4.78
C VAL D 144 22.18 -59.74 5.65
N VAL D 145 21.41 -58.85 5.02
CA VAL D 145 20.42 -58.03 5.70
C VAL D 145 19.28 -58.91 6.22
N ARG D 146 18.82 -59.86 5.40
CA ARG D 146 17.74 -60.76 5.83
C ARG D 146 18.12 -61.56 7.09
N ALA D 147 19.31 -62.14 7.08
CA ALA D 147 19.78 -62.90 8.24
C ALA D 147 19.89 -61.98 9.46
N GLU D 148 20.36 -60.76 9.24
CA GLU D 148 20.58 -59.84 10.35
C GLU D 148 19.28 -59.39 11.00
N ILE D 149 18.28 -59.05 10.17
CA ILE D 149 16.98 -58.65 10.69
C ILE D 149 16.30 -59.82 11.39
N MET D 150 16.57 -61.05 10.97
CA MET D 150 16.07 -62.19 11.73
C MET D 150 16.63 -62.20 13.16
N ARG D 151 17.94 -61.93 13.28
CA ARG D 151 18.63 -61.87 14.58
C ARG D 151 18.13 -60.69 15.42
N SER D 152 18.08 -59.50 14.82
CA SER D 152 17.64 -58.29 15.51
C SER D 152 16.18 -58.35 15.98
N PHE D 153 15.31 -58.92 15.16
CA PHE D 153 13.91 -59.09 15.52
C PHE D 153 13.77 -59.96 16.76
N SER D 154 14.53 -61.05 16.79
CA SER D 154 14.50 -61.99 17.90
C SER D 154 14.98 -61.41 19.21
N LEU D 155 16.01 -60.55 19.16
CA LEU D 155 16.51 -59.89 20.35
C LEU D 155 15.54 -58.81 20.80
N SER D 156 15.04 -58.03 19.84
CA SER D 156 14.20 -56.89 20.16
C SER D 156 12.86 -57.36 20.71
N THR D 157 12.28 -58.37 20.09
CA THR D 157 11.14 -59.08 20.65
C THR D 157 11.73 -60.03 21.70
N ASN D 158 10.93 -60.91 22.32
CA ASN D 158 11.46 -61.70 23.45
C ASN D 158 11.56 -63.20 23.16
N LEU D 159 12.25 -63.55 22.08
CA LEU D 159 12.40 -64.94 21.68
C LEU D 159 13.80 -65.49 21.98
N GLN D 160 14.71 -64.63 22.45
CA GLN D 160 16.11 -65.01 22.64
C GLN D 160 16.76 -64.39 23.89
N GLU D 161 17.35 -65.24 24.75
CA GLU D 161 17.93 -64.83 26.06
C GLU D 161 16.85 -64.48 27.09
N GLN E 1 -7.80 -58.00 -1.08
CA GLN E 1 -7.35 -56.62 -0.71
C GLN E 1 -8.15 -56.09 0.48
N VAL E 2 -7.47 -55.36 1.36
CA VAL E 2 -8.13 -54.78 2.53
C VAL E 2 -9.10 -53.72 2.08
N GLN E 3 -10.33 -53.80 2.54
CA GLN E 3 -11.22 -52.67 2.41
C GLN E 3 -12.21 -52.58 3.57
N LEU E 4 -12.44 -51.35 4.00
CA LEU E 4 -13.41 -50.98 5.01
C LEU E 4 -14.45 -50.15 4.25
N VAL E 5 -15.68 -50.64 4.14
CA VAL E 5 -16.70 -49.95 3.36
C VAL E 5 -17.88 -49.64 4.27
N GLN E 6 -18.25 -48.36 4.38
CA GLN E 6 -19.20 -47.88 5.39
C GLN E 6 -20.61 -47.66 4.85
N SER E 7 -21.58 -47.62 5.76
CA SER E 7 -22.97 -47.40 5.38
C SER E 7 -23.18 -46.03 4.74
N GLY E 8 -24.36 -45.84 4.18
CA GLY E 8 -24.68 -44.63 3.43
C GLY E 8 -24.94 -43.43 4.30
N ALA E 9 -25.08 -42.28 3.63
CA ALA E 9 -25.29 -41.02 4.33
C ALA E 9 -26.57 -41.06 5.14
N GLU E 10 -26.66 -40.18 6.13
CA GLU E 10 -27.80 -40.15 7.04
C GLU E 10 -28.28 -38.70 7.26
N VAL E 11 -29.56 -38.55 7.60
CA VAL E 11 -30.08 -37.27 8.05
C VAL E 11 -30.88 -37.53 9.31
N LYS E 12 -30.68 -36.69 10.31
CA LYS E 12 -31.40 -36.86 11.58
C LYS E 12 -31.88 -35.52 12.14
N LYS E 13 -32.96 -35.59 12.92
CA LYS E 13 -33.40 -34.48 13.75
C LYS E 13 -32.55 -34.54 15.00
N PRO E 14 -32.26 -33.39 15.63
CA PRO E 14 -31.45 -33.42 16.84
C PRO E 14 -32.10 -34.28 17.89
N GLY E 15 -31.30 -34.88 18.78
CA GLY E 15 -31.82 -35.67 19.89
C GLY E 15 -32.11 -37.12 19.54
N ALA E 16 -32.12 -37.46 18.25
CA ALA E 16 -32.22 -38.84 17.81
C ALA E 16 -30.83 -39.44 17.86
N SER E 17 -30.72 -40.72 17.55
CA SER E 17 -29.41 -41.35 17.44
C SER E 17 -29.13 -41.86 16.03
N VAL E 18 -27.87 -42.19 15.76
CA VAL E 18 -27.47 -42.91 14.54
C VAL E 18 -26.56 -44.05 14.87
N LYS E 19 -26.60 -45.07 14.03
CA LYS E 19 -25.66 -46.17 14.09
C LYS E 19 -25.04 -46.37 12.70
N VAL E 20 -23.96 -45.65 12.42
CA VAL E 20 -23.18 -45.83 11.18
C VAL E 20 -22.40 -47.16 11.23
N SER E 21 -22.33 -47.86 10.10
CA SER E 21 -21.61 -49.13 10.03
C SER E 21 -20.31 -49.05 9.25
N CYS E 22 -19.48 -50.09 9.33
CA CYS E 22 -18.20 -50.13 8.61
C CYS E 22 -17.83 -51.59 8.38
N LYS E 23 -17.96 -52.07 7.15
CA LYS E 23 -17.84 -53.51 6.86
C LYS E 23 -16.45 -53.87 6.37
N ALA E 24 -15.79 -54.72 7.15
CA ALA E 24 -14.40 -55.07 6.91
C ALA E 24 -14.28 -56.26 5.95
N SER E 25 -13.20 -56.25 5.16
CA SER E 25 -12.87 -57.37 4.26
C SER E 25 -11.42 -57.29 3.77
N GLY E 26 -10.89 -58.44 3.38
CA GLY E 26 -9.54 -58.52 2.83
C GLY E 26 -8.53 -58.99 3.85
N TYR E 27 -9.00 -59.28 5.05
CA TYR E 27 -8.14 -59.59 6.19
C TYR E 27 -8.97 -60.21 7.34
N THR E 28 -8.30 -60.69 8.38
CA THR E 28 -8.97 -61.18 9.59
C THR E 28 -9.49 -60.04 10.47
N PHE E 29 -10.79 -59.78 10.39
CA PHE E 29 -11.43 -58.66 11.10
C PHE E 29 -10.97 -58.47 12.55
N THR E 30 -10.91 -59.57 13.30
CA THR E 30 -10.71 -59.54 14.75
C THR E 30 -9.30 -59.14 15.14
N SER E 31 -8.35 -59.46 14.27
CA SER E 31 -6.94 -59.27 14.59
C SER E 31 -6.47 -57.81 14.49
N TYR E 32 -7.35 -56.89 14.10
CA TYR E 32 -7.01 -55.45 14.13
C TYR E 32 -8.11 -54.61 14.73
N SER E 33 -7.71 -53.74 15.65
CA SER E 33 -8.60 -52.77 16.26
C SER E 33 -9.03 -51.69 15.28
N ILE E 34 -10.18 -51.07 15.58
CA ILE E 34 -10.80 -50.04 14.75
C ILE E 34 -11.11 -48.80 15.58
N SER E 35 -10.94 -47.63 14.97
CA SER E 35 -11.23 -46.35 15.62
C SER E 35 -12.05 -45.50 14.66
N TRP E 36 -12.66 -44.43 15.18
CA TRP E 36 -13.58 -43.60 14.40
C TRP E 36 -13.14 -42.15 14.42
N VAL E 37 -13.09 -41.55 13.25
CA VAL E 37 -12.62 -40.18 13.09
C VAL E 37 -13.68 -39.42 12.32
N ARG E 38 -14.11 -38.28 12.86
CA ARG E 38 -15.15 -37.48 12.19
C ARG E 38 -14.59 -36.14 11.67
N GLN E 39 -15.11 -35.69 10.54
CA GLN E 39 -14.65 -34.47 9.90
C GLN E 39 -15.87 -33.64 9.48
N ALA E 40 -16.14 -32.56 10.23
CA ALA E 40 -17.26 -31.67 9.93
C ALA E 40 -16.92 -30.82 8.71
N PRO E 41 -17.94 -30.52 7.87
CA PRO E 41 -17.72 -29.82 6.60
C PRO E 41 -16.79 -28.62 6.69
N GLY E 42 -15.82 -28.56 5.77
CA GLY E 42 -14.86 -27.47 5.71
C GLY E 42 -13.91 -27.39 6.88
N GLN E 43 -13.66 -28.52 7.53
CA GLN E 43 -12.89 -28.54 8.78
C GLN E 43 -12.00 -29.78 8.99
N GLY E 44 -11.25 -29.79 10.09
CA GLY E 44 -10.24 -30.82 10.33
C GLY E 44 -10.79 -32.14 10.82
N LEU E 45 -9.88 -33.04 11.17
CA LEU E 45 -10.20 -34.39 11.61
C LEU E 45 -10.27 -34.48 13.11
N GLU E 46 -11.29 -35.14 13.64
CA GLU E 46 -11.45 -35.32 15.08
C GLU E 46 -11.57 -36.80 15.42
N TRP E 47 -10.67 -37.27 16.27
CA TRP E 47 -10.61 -38.67 16.67
C TRP E 47 -11.60 -38.91 17.80
N MET E 48 -12.42 -39.94 17.66
CA MET E 48 -13.54 -40.10 18.57
C MET E 48 -13.23 -41.16 19.61
N GLY E 49 -12.81 -42.32 19.14
CA GLY E 49 -12.54 -43.44 20.02
C GLY E 49 -11.89 -44.60 19.31
N TRP E 50 -11.76 -45.71 20.04
CA TRP E 50 -10.99 -46.88 19.61
C TRP E 50 -11.68 -48.13 20.16
N ILE E 51 -11.81 -49.17 19.33
CA ILE E 51 -12.41 -50.43 19.76
C ILE E 51 -11.54 -51.60 19.40
N SER E 52 -11.30 -52.48 20.37
CA SER E 52 -10.67 -53.76 20.09
C SER E 52 -11.74 -54.66 19.52
N VAL E 53 -11.62 -54.97 18.24
CA VAL E 53 -12.53 -55.92 17.61
C VAL E 53 -12.42 -57.28 18.32
N TYR E 54 -11.21 -57.63 18.79
CA TYR E 54 -10.95 -58.96 19.37
C TYR E 54 -11.49 -59.14 20.81
N ASN E 55 -11.37 -58.11 21.64
CA ASN E 55 -11.75 -58.20 23.06
C ASN E 55 -12.92 -57.30 23.46
N GLY E 56 -13.33 -56.40 22.57
CA GLY E 56 -14.44 -55.50 22.87
C GLY E 56 -14.04 -54.28 23.69
N ASN E 57 -12.77 -54.22 24.11
CA ASN E 57 -12.27 -53.06 24.83
C ASN E 57 -12.50 -51.76 24.04
N THR E 58 -12.85 -50.68 24.74
CA THR E 58 -13.05 -49.37 24.11
C THR E 58 -12.39 -48.20 24.85
N ASN E 59 -12.06 -47.16 24.10
CA ASN E 59 -11.52 -45.93 24.66
C ASN E 59 -12.15 -44.77 23.91
N TYR E 60 -12.58 -43.76 24.63
CA TYR E 60 -13.26 -42.65 24.00
C TYR E 60 -12.60 -41.35 24.38
N ALA E 61 -12.67 -40.39 23.46
CA ALA E 61 -12.37 -39.02 23.76
C ALA E 61 -13.44 -38.58 24.73
N GLN E 62 -13.07 -37.70 25.64
CA GLN E 62 -13.96 -37.20 26.69
C GLN E 62 -15.22 -36.58 26.12
N LYS E 63 -15.03 -35.80 25.04
CA LYS E 63 -16.11 -35.14 24.31
C LYS E 63 -17.31 -36.05 23.95
N PHE E 64 -17.09 -37.36 23.87
CA PHE E 64 -18.11 -38.32 23.43
C PHE E 64 -18.43 -39.40 24.44
N GLN E 65 -17.76 -39.39 25.58
CA GLN E 65 -17.94 -40.43 26.59
C GLN E 65 -19.38 -40.38 27.11
N GLY E 66 -19.98 -41.55 27.34
CA GLY E 66 -21.33 -41.64 27.88
C GLY E 66 -22.42 -41.18 26.93
N ARG E 67 -22.10 -41.03 25.65
CA ARG E 67 -23.06 -40.63 24.62
C ARG E 67 -22.87 -41.35 23.28
N VAL E 68 -21.65 -41.85 23.03
CA VAL E 68 -21.38 -42.67 21.86
C VAL E 68 -20.91 -44.05 22.30
N THR E 69 -21.32 -45.05 21.54
CA THR E 69 -20.89 -46.42 21.75
C THR E 69 -20.25 -46.96 20.48
N MET E 70 -19.22 -47.80 20.64
CA MET E 70 -18.59 -48.50 19.53
C MET E 70 -18.74 -49.97 19.78
N THR E 71 -19.23 -50.69 18.78
CA THR E 71 -19.44 -52.13 18.88
C THR E 71 -18.98 -52.81 17.60
N THR E 72 -19.01 -54.15 17.59
CA THR E 72 -18.65 -54.88 16.37
C THR E 72 -19.48 -56.14 16.25
N ASP E 73 -19.45 -56.75 15.08
CA ASP E 73 -20.17 -57.97 14.79
C ASP E 73 -19.25 -58.95 14.09
N THR E 74 -18.61 -59.83 14.86
CA THR E 74 -17.68 -60.85 14.36
C THR E 74 -18.32 -61.63 13.28
N SER E 75 -19.63 -61.79 13.35
CA SER E 75 -20.24 -62.56 12.32
C SER E 75 -20.10 -61.90 10.95
N THR E 76 -20.76 -60.77 10.79
CA THR E 76 -20.76 -60.01 9.53
C THR E 76 -19.38 -59.48 9.17
N SER E 77 -18.64 -59.05 10.18
CA SER E 77 -17.29 -58.48 10.05
C SER E 77 -17.38 -56.98 9.72
N THR E 78 -18.21 -56.39 10.61
CA THR E 78 -18.66 -55.01 10.65
C THR E 78 -18.52 -54.34 12.04
N ALA E 79 -18.05 -53.09 12.00
CA ALA E 79 -17.92 -52.21 13.14
C ALA E 79 -19.01 -51.16 13.05
N TYR E 80 -19.52 -50.76 14.20
CA TYR E 80 -20.59 -49.77 14.31
C TYR E 80 -20.18 -48.64 15.22
N LEU E 81 -20.60 -47.43 14.85
CA LEU E 81 -20.52 -46.27 15.71
C LEU E 81 -21.95 -45.82 16.00
N GLU E 82 -22.36 -45.93 17.26
CA GLU E 82 -23.63 -45.36 17.71
C GLU E 82 -23.37 -43.95 18.24
N LEU E 83 -24.21 -43.01 17.83
CA LEU E 83 -24.10 -41.64 18.31
C LEU E 83 -25.49 -41.23 18.79
N ARG E 84 -25.63 -41.00 20.09
CA ARG E 84 -26.92 -40.69 20.69
C ARG E 84 -27.03 -39.21 21.06
N SER E 85 -28.26 -38.74 21.19
CA SER E 85 -28.55 -37.34 21.50
C SER E 85 -27.84 -36.41 20.52
N LEU E 86 -28.05 -36.69 19.24
CA LEU E 86 -27.40 -35.95 18.17
C LEU E 86 -27.61 -34.45 18.28
N ARG E 87 -26.53 -33.71 18.03
CA ARG E 87 -26.53 -32.25 18.01
C ARG E 87 -26.26 -31.81 16.57
N SER E 88 -26.64 -30.59 16.27
CA SER E 88 -26.38 -30.01 14.96
C SER E 88 -24.89 -30.05 14.67
N ASP E 89 -24.07 -29.71 15.66
CA ASP E 89 -22.62 -29.73 15.47
C ASP E 89 -22.02 -31.15 15.50
N ASP E 90 -22.86 -32.18 15.50
CA ASP E 90 -22.41 -33.52 15.17
C ASP E 90 -22.45 -33.73 13.66
N THR E 91 -22.96 -32.76 12.90
CA THR E 91 -22.97 -32.87 11.44
C THR E 91 -21.52 -32.96 10.96
N ALA E 92 -21.20 -34.06 10.30
CA ALA E 92 -19.82 -34.36 9.93
C ALA E 92 -19.78 -35.62 9.09
N VAL E 93 -18.64 -35.87 8.46
CA VAL E 93 -18.39 -37.16 7.83
C VAL E 93 -17.59 -37.98 8.83
N TYR E 94 -18.04 -39.22 9.03
CA TYR E 94 -17.46 -40.11 10.01
C TYR E 94 -16.67 -41.18 9.27
N TYR E 95 -15.39 -41.35 9.65
CA TYR E 95 -14.54 -42.38 9.06
C TYR E 95 -14.23 -43.43 10.12
N CYS E 96 -14.25 -44.71 9.70
CA CYS E 96 -13.61 -45.76 10.48
C CYS E 96 -12.21 -45.91 9.90
N ALA E 97 -11.25 -46.09 10.79
CA ALA E 97 -9.85 -46.26 10.43
C ALA E 97 -9.30 -47.45 11.19
N ARG E 98 -8.74 -48.42 10.46
CA ARG E 98 -8.22 -49.65 11.05
C ARG E 98 -6.79 -49.48 11.50
N ASP E 99 -6.46 -50.09 12.63
CA ASP E 99 -5.08 -50.11 13.10
C ASP E 99 -4.32 -51.24 12.40
N PRO E 100 -2.98 -51.16 12.39
CA PRO E 100 -2.19 -50.07 12.90
C PRO E 100 -2.09 -48.94 11.88
N ILE E 101 -1.47 -47.85 12.32
CA ILE E 101 -1.46 -46.62 11.56
C ILE E 101 -0.71 -46.80 10.26
N ALA E 102 0.50 -47.36 10.33
CA ALA E 102 1.28 -47.63 9.13
C ALA E 102 0.52 -48.39 8.03
N ALA E 103 -0.51 -49.15 8.38
CA ALA E 103 -1.29 -49.89 7.36
C ALA E 103 -2.11 -48.96 6.46
N GLY E 104 -2.40 -47.77 6.98
CA GLY E 104 -3.07 -46.73 6.22
C GLY E 104 -4.51 -46.99 5.85
N TYR E 105 -5.17 -47.95 6.49
CA TYR E 105 -6.52 -48.38 6.07
C TYR E 105 -7.67 -47.59 6.69
N TRP E 106 -8.34 -46.80 5.85
CA TRP E 106 -9.55 -46.07 6.24
C TRP E 106 -10.68 -46.48 5.34
N GLY E 107 -11.89 -46.09 5.71
CA GLY E 107 -13.03 -46.26 4.82
C GLY E 107 -13.29 -44.98 4.03
N GLN E 108 -14.35 -45.02 3.22
CA GLN E 108 -14.75 -43.88 2.37
C GLN E 108 -15.49 -42.82 3.16
N GLY E 109 -15.85 -43.14 4.41
CA GLY E 109 -16.47 -42.21 5.35
C GLY E 109 -17.97 -42.20 5.19
N THR E 110 -18.72 -41.94 6.27
CA THR E 110 -20.18 -41.75 6.19
C THR E 110 -20.62 -40.36 6.67
N LEU E 111 -21.52 -39.72 5.92
CA LEU E 111 -22.07 -38.41 6.29
C LEU E 111 -23.31 -38.55 7.14
N VAL E 112 -23.25 -38.06 8.37
CA VAL E 112 -24.42 -37.83 9.19
C VAL E 112 -24.69 -36.31 9.20
N THR E 113 -25.88 -35.93 8.77
CA THR E 113 -26.34 -34.56 8.78
C THR E 113 -27.40 -34.47 9.86
N VAL E 114 -27.14 -33.65 10.89
CA VAL E 114 -28.08 -33.47 12.00
C VAL E 114 -28.67 -32.06 11.96
N SER E 115 -29.97 -31.97 11.69
CA SER E 115 -30.66 -30.68 11.73
C SER E 115 -32.15 -30.85 12.02
N SER E 116 -32.73 -29.83 12.64
CA SER E 116 -34.17 -29.79 12.85
C SER E 116 -34.89 -29.27 11.59
N ALA E 117 -34.12 -28.89 10.56
CA ALA E 117 -34.70 -28.60 9.24
C ALA E 117 -35.49 -29.81 8.76
N SER E 118 -36.70 -29.57 8.27
CA SER E 118 -37.47 -30.64 7.65
C SER E 118 -37.18 -30.68 6.16
N THR E 119 -37.42 -31.83 5.55
CA THR E 119 -37.19 -32.01 4.11
C THR E 119 -37.95 -30.93 3.33
N LYS E 120 -37.30 -30.40 2.30
CA LYS E 120 -37.88 -29.35 1.48
C LYS E 120 -37.17 -29.32 0.13
N GLY E 121 -37.95 -29.22 -0.95
CA GLY E 121 -37.42 -28.99 -2.30
C GLY E 121 -37.09 -27.51 -2.46
N PRO E 122 -36.14 -27.18 -3.35
CA PRO E 122 -35.72 -25.79 -3.48
C PRO E 122 -36.64 -25.01 -4.40
N SER E 123 -36.61 -23.69 -4.29
CA SER E 123 -37.12 -22.82 -5.33
C SER E 123 -36.00 -22.70 -6.36
N VAL E 124 -36.37 -22.62 -7.64
CA VAL E 124 -35.40 -22.41 -8.70
C VAL E 124 -35.74 -21.12 -9.46
N PHE E 125 -34.93 -20.09 -9.23
CA PHE E 125 -35.08 -18.79 -9.89
C PHE E 125 -33.96 -18.57 -10.90
N PRO E 126 -34.24 -17.88 -12.01
CA PRO E 126 -33.27 -17.60 -13.05
C PRO E 126 -32.37 -16.42 -12.74
N LEU E 127 -31.06 -16.66 -12.72
CA LEU E 127 -30.09 -15.59 -12.71
C LEU E 127 -29.96 -15.11 -14.15
N ALA E 128 -30.78 -14.11 -14.48
CA ALA E 128 -31.03 -13.72 -15.86
C ALA E 128 -29.86 -12.95 -16.46
N PRO E 129 -29.44 -13.31 -17.69
CA PRO E 129 -28.32 -12.63 -18.33
C PRO E 129 -28.70 -11.21 -18.72
N SER E 130 -27.71 -10.33 -18.79
CA SER E 130 -27.95 -8.91 -19.00
C SER E 130 -26.67 -8.19 -19.40
N SER E 131 -26.82 -6.92 -19.78
CA SER E 131 -25.69 -6.04 -20.03
C SER E 131 -24.72 -6.06 -18.86
N LYS E 132 -25.22 -6.40 -17.68
CA LYS E 132 -24.43 -6.40 -16.44
C LYS E 132 -23.89 -7.79 -16.05
N SER E 133 -23.99 -8.75 -16.97
CA SER E 133 -23.35 -10.06 -16.82
C SER E 133 -22.48 -10.40 -18.04
N THR E 134 -22.15 -9.38 -18.84
CA THR E 134 -21.54 -9.58 -20.15
C THR E 134 -20.14 -8.98 -20.24
N SER E 135 -19.31 -9.62 -21.07
CA SER E 135 -17.95 -9.15 -21.32
C SER E 135 -17.36 -9.84 -22.57
N GLY E 136 -16.86 -9.04 -23.50
CA GLY E 136 -16.18 -9.54 -24.68
C GLY E 136 -16.97 -10.57 -25.46
N GLY E 137 -18.26 -10.30 -25.63
CA GLY E 137 -19.13 -11.16 -26.45
C GLY E 137 -19.52 -12.48 -25.82
N THR E 138 -19.27 -12.62 -24.52
CA THR E 138 -19.63 -13.83 -23.79
C THR E 138 -20.25 -13.44 -22.45
N ALA E 139 -21.54 -13.71 -22.31
CA ALA E 139 -22.30 -13.37 -21.11
C ALA E 139 -22.24 -14.49 -20.06
N ALA E 140 -22.93 -14.27 -18.95
CA ALA E 140 -23.15 -15.31 -17.95
C ALA E 140 -24.63 -15.33 -17.55
N LEU E 141 -25.19 -16.53 -17.40
CA LEU E 141 -26.54 -16.73 -16.91
C LEU E 141 -26.51 -17.93 -15.97
N GLY E 142 -27.52 -18.08 -15.14
CA GLY E 142 -27.46 -19.11 -14.10
C GLY E 142 -28.78 -19.47 -13.47
N CYS E 143 -28.69 -20.16 -12.33
CA CYS E 143 -29.87 -20.54 -11.56
C CYS E 143 -29.56 -20.49 -10.08
N LEU E 144 -30.39 -19.76 -9.34
CA LEU E 144 -30.32 -19.77 -7.89
C LEU E 144 -31.23 -20.88 -7.41
N VAL E 145 -30.69 -21.74 -6.54
CA VAL E 145 -31.40 -22.90 -6.00
C VAL E 145 -31.57 -22.74 -4.50
N LYS E 146 -32.60 -21.97 -4.12
CA LYS E 146 -32.70 -21.43 -2.76
C LYS E 146 -33.64 -22.23 -1.85
N ASP E 147 -33.18 -22.42 -0.60
CA ASP E 147 -34.03 -22.94 0.48
C ASP E 147 -34.49 -24.39 0.26
N TYR E 148 -33.53 -25.31 0.35
CA TYR E 148 -33.81 -26.75 0.30
C TYR E 148 -33.07 -27.50 1.40
N PHE E 149 -33.59 -28.68 1.72
CA PHE E 149 -33.00 -29.54 2.72
C PHE E 149 -33.47 -30.97 2.48
N PRO E 150 -32.53 -31.94 2.57
CA PRO E 150 -31.12 -31.82 2.86
C PRO E 150 -30.32 -31.74 1.57
N GLU E 151 -29.00 -31.93 1.68
CA GLU E 151 -28.16 -32.18 0.51
C GLU E 151 -28.43 -33.61 0.00
N PRO E 152 -28.19 -33.89 -1.30
CA PRO E 152 -27.67 -33.01 -2.33
C PRO E 152 -28.73 -32.41 -3.25
N VAL E 153 -28.29 -31.59 -4.20
CA VAL E 153 -29.06 -31.24 -5.39
C VAL E 153 -28.17 -31.48 -6.62
N THR E 154 -28.75 -31.87 -7.74
CA THR E 154 -28.01 -31.96 -9.00
C THR E 154 -28.66 -31.08 -10.06
N VAL E 155 -27.83 -30.21 -10.65
CA VAL E 155 -28.28 -29.27 -11.67
C VAL E 155 -27.60 -29.62 -12.99
N SER E 156 -28.33 -29.49 -14.09
CA SER E 156 -27.78 -29.71 -15.44
C SER E 156 -28.39 -28.67 -16.33
N TRP E 157 -27.74 -28.43 -17.45
CA TRP E 157 -28.14 -27.41 -18.41
C TRP E 157 -28.57 -28.00 -19.75
N ASN E 158 -29.72 -27.54 -20.23
CA ASN E 158 -30.33 -27.99 -21.49
C ASN E 158 -30.45 -29.50 -21.43
N SER E 159 -31.10 -29.97 -20.37
CA SER E 159 -31.26 -31.36 -20.12
C SER E 159 -29.95 -32.10 -20.29
N GLY E 160 -28.89 -31.48 -19.79
CA GLY E 160 -27.57 -32.11 -19.78
C GLY E 160 -26.76 -32.08 -21.06
N ALA E 161 -27.30 -31.51 -22.14
CA ALA E 161 -26.57 -31.44 -23.43
C ALA E 161 -25.41 -30.45 -23.33
N LEU E 162 -25.62 -29.23 -23.80
CA LEU E 162 -24.58 -28.18 -23.75
C LEU E 162 -24.28 -27.77 -22.29
N THR E 163 -23.08 -28.23 -21.81
CA THR E 163 -22.71 -28.07 -20.40
C THR E 163 -21.21 -27.83 -20.09
N SER E 164 -20.31 -27.80 -21.11
CA SER E 164 -18.88 -27.64 -20.78
C SER E 164 -18.30 -26.21 -20.77
N GLY E 165 -18.96 -25.36 -19.99
CA GLY E 165 -18.66 -23.97 -19.69
C GLY E 165 -19.48 -23.57 -18.44
N VAL E 166 -19.89 -24.62 -17.73
CA VAL E 166 -20.72 -24.50 -16.52
C VAL E 166 -19.85 -24.41 -15.27
N HIS E 167 -20.35 -23.71 -14.25
CA HIS E 167 -19.70 -23.66 -12.94
C HIS E 167 -20.76 -23.61 -11.83
N THR E 168 -20.99 -24.73 -11.15
CA THR E 168 -21.96 -24.83 -10.06
C THR E 168 -21.28 -24.66 -8.72
N PHE E 169 -21.72 -23.68 -7.96
CA PHE E 169 -21.04 -23.33 -6.71
C PHE E 169 -21.46 -24.27 -5.60
N PRO E 170 -20.53 -24.54 -4.66
CA PRO E 170 -20.87 -25.42 -3.54
C PRO E 170 -21.93 -24.79 -2.65
N ALA E 171 -22.78 -25.62 -2.05
CA ALA E 171 -23.92 -25.13 -1.28
C ALA E 171 -23.47 -24.45 0.00
N VAL E 172 -24.17 -23.37 0.35
CA VAL E 172 -23.96 -22.66 1.61
C VAL E 172 -25.15 -23.00 2.49
N LEU E 173 -24.90 -23.23 3.77
CA LEU E 173 -25.96 -23.58 4.70
C LEU E 173 -26.42 -22.28 5.34
N GLN E 174 -27.56 -21.78 4.90
CA GLN E 174 -28.08 -20.54 5.44
C GLN E 174 -28.36 -20.71 6.94
N SER E 175 -28.26 -19.63 7.70
CA SER E 175 -28.48 -19.64 9.16
C SER E 175 -29.93 -19.98 9.49
N SER E 176 -30.80 -19.81 8.48
CA SER E 176 -32.19 -20.27 8.51
C SER E 176 -32.37 -21.79 8.69
N GLY E 177 -31.34 -22.55 8.37
CA GLY E 177 -31.41 -24.02 8.44
C GLY E 177 -31.32 -24.65 7.07
N LEU E 178 -31.94 -24.02 6.07
CA LEU E 178 -31.93 -24.54 4.71
C LEU E 178 -30.66 -24.18 3.93
N TYR E 179 -30.29 -25.05 2.98
CA TYR E 179 -29.16 -24.80 2.08
C TYR E 179 -29.57 -23.93 0.90
N SER E 180 -28.56 -23.44 0.19
CA SER E 180 -28.76 -22.63 -1.01
C SER E 180 -27.54 -22.71 -1.94
N LEU E 181 -27.80 -22.59 -3.24
CA LEU E 181 -26.80 -22.90 -4.25
C LEU E 181 -27.03 -22.05 -5.49
N SER E 182 -25.96 -21.81 -6.24
CA SER E 182 -26.04 -21.12 -7.51
C SER E 182 -25.21 -21.87 -8.53
N SER E 183 -25.74 -21.92 -9.76
CA SER E 183 -25.09 -22.59 -10.87
C SER E 183 -25.05 -21.61 -12.03
N VAL E 184 -23.84 -21.33 -12.54
CA VAL E 184 -23.65 -20.38 -13.63
C VAL E 184 -22.93 -21.03 -14.79
N VAL E 185 -23.45 -20.81 -15.99
CA VAL E 185 -22.81 -21.24 -17.20
C VAL E 185 -22.59 -20.03 -18.11
N THR E 186 -21.34 -19.81 -18.49
CA THR E 186 -21.00 -18.71 -19.39
C THR E 186 -21.16 -19.17 -20.84
N VAL E 187 -21.78 -18.32 -21.66
CA VAL E 187 -22.02 -18.63 -23.08
C VAL E 187 -21.81 -17.39 -23.97
N PRO E 188 -21.52 -17.62 -25.27
CA PRO E 188 -21.45 -16.50 -26.23
C PRO E 188 -22.72 -15.63 -26.24
N SER E 189 -22.54 -14.34 -26.02
CA SER E 189 -23.66 -13.41 -25.74
C SER E 189 -24.67 -13.30 -26.89
N SER E 190 -24.17 -13.40 -28.11
CA SER E 190 -25.02 -13.39 -29.29
C SER E 190 -25.85 -14.67 -29.44
N SER E 191 -25.48 -15.72 -28.69
CA SER E 191 -26.26 -16.97 -28.69
C SER E 191 -27.57 -16.87 -27.89
N LEU E 192 -27.82 -15.74 -27.24
CA LEU E 192 -29.10 -15.49 -26.56
C LEU E 192 -30.28 -15.37 -27.56
N GLY E 193 -30.03 -15.73 -28.82
CA GLY E 193 -31.09 -15.90 -29.82
C GLY E 193 -31.52 -17.36 -29.92
N THR E 194 -30.92 -18.10 -30.86
CA THR E 194 -31.36 -19.47 -31.19
C THR E 194 -30.85 -20.57 -30.24
N GLN E 195 -30.20 -20.18 -29.14
CA GLN E 195 -29.83 -21.14 -28.11
C GLN E 195 -30.61 -20.82 -26.82
N THR E 196 -31.69 -21.55 -26.60
CA THR E 196 -32.46 -21.47 -25.34
C THR E 196 -31.71 -22.21 -24.23
N TYR E 197 -31.73 -21.65 -23.02
CA TYR E 197 -31.01 -22.22 -21.87
C TYR E 197 -31.97 -22.58 -20.73
N ILE E 198 -32.23 -23.87 -20.58
CA ILE E 198 -33.03 -24.39 -19.47
C ILE E 198 -32.09 -25.07 -18.48
N CYS E 199 -32.25 -24.76 -17.20
CA CYS E 199 -31.49 -25.46 -16.17
C CYS E 199 -32.42 -26.41 -15.44
N ASN E 200 -31.90 -27.59 -15.12
CA ASN E 200 -32.68 -28.71 -14.62
C ASN E 200 -32.21 -29.09 -13.23
N VAL E 201 -32.88 -28.54 -12.22
CA VAL E 201 -32.51 -28.81 -10.84
C VAL E 201 -33.22 -30.09 -10.39
N ASN E 202 -32.46 -30.98 -9.76
CA ASN E 202 -33.00 -32.26 -9.28
C ASN E 202 -32.60 -32.49 -7.82
N HIS E 203 -33.58 -32.39 -6.93
CA HIS E 203 -33.39 -32.66 -5.51
C HIS E 203 -34.25 -33.90 -5.20
N LYS E 204 -33.61 -35.06 -5.25
CA LYS E 204 -34.29 -36.36 -5.12
C LYS E 204 -34.86 -36.67 -3.72
N PRO E 205 -34.21 -36.19 -2.63
CA PRO E 205 -34.78 -36.39 -1.29
C PRO E 205 -36.22 -35.90 -1.09
N SER E 206 -36.64 -34.86 -1.80
CA SER E 206 -38.04 -34.38 -1.72
C SER E 206 -38.82 -34.65 -3.02
N ASN E 207 -38.40 -35.69 -3.75
CA ASN E 207 -39.10 -36.16 -4.96
C ASN E 207 -39.33 -35.03 -5.99
N THR E 208 -38.44 -34.05 -6.01
CA THR E 208 -38.68 -32.81 -6.74
C THR E 208 -37.68 -32.58 -7.88
N LYS E 209 -38.25 -32.37 -9.06
CA LYS E 209 -37.49 -32.06 -10.27
C LYS E 209 -38.10 -30.78 -10.83
N VAL E 210 -37.25 -29.86 -11.29
CA VAL E 210 -37.74 -28.57 -11.81
C VAL E 210 -36.86 -28.04 -12.96
N ASP E 211 -37.39 -28.14 -14.17
CA ASP E 211 -36.77 -27.50 -15.32
C ASP E 211 -37.11 -26.02 -15.27
N LYS E 212 -36.20 -25.17 -15.71
CA LYS E 212 -36.38 -23.72 -15.59
C LYS E 212 -35.60 -22.93 -16.64
N LYS E 213 -36.34 -22.20 -17.48
CA LYS E 213 -35.75 -21.38 -18.54
C LYS E 213 -35.11 -20.11 -17.98
N VAL E 214 -34.10 -19.61 -18.68
CA VAL E 214 -33.35 -18.42 -18.24
C VAL E 214 -33.31 -17.41 -19.39
N GLU E 215 -34.19 -16.41 -19.29
CA GLU E 215 -34.33 -15.41 -20.35
C GLU E 215 -33.50 -14.18 -20.10
N PRO E 216 -32.93 -13.58 -21.15
CA PRO E 216 -32.16 -12.38 -21.00
C PRO E 216 -33.04 -11.16 -20.77
N LYS E 217 -32.41 -10.14 -20.29
CA LYS E 217 -32.92 -8.82 -20.00
C LYS E 217 -31.68 -7.99 -19.81
N SER E 218 -31.67 -6.88 -20.51
CA SER E 218 -30.56 -5.91 -20.55
C SER E 218 -30.86 -4.64 -19.80
N CYS E 219 -29.98 -4.25 -18.87
CA CYS E 219 -30.23 -3.08 -18.06
C CYS E 219 -29.26 -1.93 -18.36
N GLU F 1 -3.34 -32.37 26.84
CA GLU F 1 -4.13 -33.23 25.95
C GLU F 1 -3.40 -33.48 24.63
N ILE F 2 -2.38 -32.70 24.41
CA ILE F 2 -1.59 -32.82 23.19
C ILE F 2 -2.31 -32.18 22.01
N VAL F 3 -1.89 -30.95 21.78
CA VAL F 3 -2.42 -30.09 20.74
C VAL F 3 -1.41 -29.87 19.61
N LEU F 4 -1.64 -30.54 18.48
CA LEU F 4 -0.79 -30.39 17.29
C LEU F 4 -1.22 -29.13 16.54
N THR F 5 -0.29 -28.19 16.37
CA THR F 5 -0.56 -26.92 15.72
C THR F 5 0.30 -26.84 14.45
N GLN F 6 -0.36 -27.05 13.31
CA GLN F 6 0.30 -27.02 11.99
C GLN F 6 0.62 -25.61 11.51
N SER F 7 1.48 -25.54 10.49
CA SER F 7 2.07 -24.28 10.08
C SER F 7 2.71 -24.41 8.69
N PRO F 8 2.42 -23.49 7.78
CA PRO F 8 1.50 -22.37 7.85
C PRO F 8 0.11 -22.87 7.52
N GLY F 9 -0.87 -21.96 7.55
CA GLY F 9 -2.25 -22.33 7.34
C GLY F 9 -2.46 -22.77 5.91
N THR F 10 -2.06 -21.90 4.99
CA THR F 10 -2.03 -22.19 3.57
C THR F 10 -0.65 -21.90 3.03
N LEU F 11 -0.16 -22.79 2.19
CA LEU F 11 1.16 -22.66 1.63
C LEU F 11 0.96 -22.56 0.14
N SER F 12 1.48 -21.50 -0.46
CA SER F 12 1.24 -21.25 -1.88
C SER F 12 2.53 -21.31 -2.66
N LEU F 13 2.72 -22.44 -3.35
CA LEU F 13 3.86 -22.66 -4.22
C LEU F 13 3.38 -23.12 -5.60
N SER F 14 4.18 -22.86 -6.63
CA SER F 14 3.89 -23.39 -7.96
C SER F 14 4.66 -24.69 -8.10
N PRO F 15 4.19 -25.59 -8.97
CA PRO F 15 4.82 -26.91 -9.14
C PRO F 15 6.31 -26.81 -9.38
N GLY F 16 7.07 -27.76 -8.86
CA GLY F 16 8.51 -27.73 -8.98
C GLY F 16 9.20 -27.10 -7.76
N GLU F 17 8.45 -26.29 -7.01
CA GLU F 17 8.99 -25.67 -5.80
C GLU F 17 9.01 -26.68 -4.66
N ARG F 18 9.67 -26.29 -3.57
CA ARG F 18 9.83 -27.11 -2.39
C ARG F 18 8.85 -26.69 -1.28
N ALA F 19 8.07 -27.66 -0.82
CA ALA F 19 7.16 -27.46 0.30
C ALA F 19 7.89 -27.80 1.60
N THR F 20 7.53 -27.12 2.67
CA THR F 20 7.93 -27.53 4.02
C THR F 20 6.80 -27.29 4.98
N LEU F 21 6.02 -28.34 5.24
CA LEU F 21 4.97 -28.27 6.24
C LEU F 21 5.60 -28.48 7.63
N SER F 22 5.00 -27.87 8.63
CA SER F 22 5.51 -27.89 9.99
C SER F 22 4.38 -28.32 10.94
N CYS F 23 4.70 -29.22 11.86
CA CYS F 23 3.72 -29.67 12.85
C CYS F 23 4.33 -29.61 14.26
N ARG F 24 3.72 -28.80 15.13
CA ARG F 24 4.23 -28.55 16.47
C ARG F 24 3.29 -29.07 17.56
N ALA F 25 3.83 -29.87 18.47
CA ALA F 25 3.05 -30.53 19.52
C ALA F 25 3.11 -29.69 20.78
N SER F 26 1.98 -29.58 21.48
CA SER F 26 1.90 -28.82 22.72
C SER F 26 2.89 -29.33 23.78
N GLN F 27 3.25 -30.60 23.68
CA GLN F 27 4.31 -31.19 24.48
C GLN F 27 4.98 -32.31 23.70
N SER F 28 6.07 -32.81 24.23
CA SER F 28 6.86 -33.78 23.50
C SER F 28 6.09 -35.06 23.14
N VAL F 29 6.34 -35.50 21.91
CA VAL F 29 5.81 -36.72 21.36
C VAL F 29 6.99 -37.54 20.90
N SER F 30 7.01 -38.82 21.25
CA SER F 30 7.99 -39.73 20.66
C SER F 30 7.71 -39.83 19.16
N SER F 31 8.79 -39.69 18.41
CA SER F 31 8.77 -39.65 16.94
C SER F 31 8.12 -40.87 16.31
N THR F 32 8.21 -42.03 16.96
CA THR F 32 7.61 -43.26 16.44
C THR F 32 6.09 -43.16 16.31
N TYR F 33 5.47 -42.23 17.04
CA TYR F 33 4.02 -42.07 16.99
C TYR F 33 3.58 -40.75 16.34
N LEU F 34 4.07 -40.47 15.14
CA LEU F 34 3.66 -39.26 14.43
C LEU F 34 3.52 -39.51 12.93
N ALA F 35 2.28 -39.58 12.45
CA ALA F 35 2.01 -39.79 11.03
C ALA F 35 1.58 -38.49 10.34
N TRP F 36 1.65 -38.50 9.01
CA TRP F 36 1.19 -37.40 8.16
C TRP F 36 0.24 -37.96 7.14
N TYR F 37 -0.83 -37.23 6.86
CA TYR F 37 -1.80 -37.63 5.85
C TYR F 37 -1.99 -36.55 4.83
N GLN F 38 -2.42 -36.97 3.65
CA GLN F 38 -2.87 -36.10 2.59
C GLN F 38 -4.36 -36.31 2.47
N GLN F 39 -5.09 -35.25 2.12
CA GLN F 39 -6.53 -35.36 1.84
C GLN F 39 -6.88 -34.45 0.69
N LYS F 40 -7.78 -34.94 -0.16
CA LYS F 40 -8.27 -34.20 -1.30
C LYS F 40 -9.77 -34.19 -1.25
N PRO F 41 -10.40 -33.13 -1.76
CA PRO F 41 -11.84 -32.98 -1.71
C PRO F 41 -12.63 -34.28 -1.91
N GLY F 42 -13.59 -34.54 -1.04
CA GLY F 42 -14.47 -35.68 -1.18
C GLY F 42 -13.78 -37.01 -1.00
N GLN F 43 -12.62 -37.02 -0.33
CA GLN F 43 -11.86 -38.25 -0.10
C GLN F 43 -11.46 -38.45 1.37
N ALA F 44 -11.20 -39.70 1.73
CA ALA F 44 -10.63 -40.00 3.03
C ALA F 44 -9.16 -39.56 3.05
N PRO F 45 -8.62 -39.31 4.25
CA PRO F 45 -7.19 -39.11 4.43
C PRO F 45 -6.40 -40.27 3.87
N ARG F 46 -5.14 -40.00 3.55
CA ARG F 46 -4.27 -41.01 2.98
C ARG F 46 -2.90 -40.92 3.62
N LEU F 47 -2.47 -42.03 4.23
CA LEU F 47 -1.22 -42.05 4.98
C LEU F 47 -0.05 -41.87 4.02
N LEU F 48 0.72 -40.84 4.30
CA LEU F 48 1.93 -40.54 3.55
C LEU F 48 3.11 -41.12 4.32
N ILE F 49 3.18 -40.71 5.55
CA ILE F 49 4.33 -41.04 6.35
C ILE F 49 4.03 -41.59 7.73
N TYR F 50 4.22 -42.86 7.91
CA TYR F 50 4.04 -43.46 9.18
C TYR F 50 5.38 -43.49 9.89
N GLY F 51 5.34 -43.65 11.20
CA GLY F 51 6.57 -43.71 11.94
C GLY F 51 7.38 -42.40 11.92
N ALA F 52 6.79 -41.26 11.63
CA ALA F 52 7.57 -40.06 11.75
C ALA F 52 8.62 -39.80 10.63
N SER F 53 8.88 -40.67 9.67
CA SER F 53 9.85 -40.28 8.62
C SER F 53 9.78 -41.30 7.51
N SER F 54 9.22 -42.45 7.84
CA SER F 54 9.02 -43.57 6.91
C SER F 54 7.90 -43.28 5.93
N ARG F 55 8.03 -43.79 4.70
CA ARG F 55 7.03 -43.58 3.68
C ARG F 55 6.10 -44.78 3.49
N ALA F 56 4.79 -44.51 3.37
CA ALA F 56 3.79 -45.55 3.11
C ALA F 56 3.94 -46.06 1.68
N THR F 57 3.58 -47.31 1.42
CA THR F 57 3.80 -47.88 0.08
C THR F 57 3.10 -47.02 -0.97
N GLY F 58 3.77 -46.83 -2.09
CA GLY F 58 3.26 -45.96 -3.14
C GLY F 58 3.60 -44.50 -2.98
N ILE F 59 3.98 -44.05 -1.78
CA ILE F 59 4.33 -42.65 -1.58
C ILE F 59 5.68 -42.35 -2.26
N PRO F 60 5.67 -41.42 -3.23
CA PRO F 60 6.87 -41.19 -4.03
C PRO F 60 8.01 -40.58 -3.22
N ASP F 61 9.23 -40.87 -3.65
CA ASP F 61 10.43 -40.59 -2.85
C ASP F 61 10.65 -39.10 -2.54
N ARG F 62 9.90 -38.23 -3.22
CA ARG F 62 9.95 -36.79 -2.99
C ARG F 62 9.30 -36.39 -1.68
N PHE F 63 8.52 -37.30 -1.09
CA PHE F 63 7.99 -37.11 0.26
C PHE F 63 9.01 -37.53 1.31
N SER F 64 9.21 -36.64 2.28
CA SER F 64 10.12 -36.88 3.39
C SER F 64 9.49 -36.25 4.60
N GLY F 65 9.93 -36.72 5.77
CA GLY F 65 9.43 -36.21 7.03
C GLY F 65 10.51 -36.37 8.08
N SER F 66 10.50 -35.49 9.08
CA SER F 66 11.45 -35.60 10.17
C SER F 66 10.99 -34.83 11.40
N GLY F 67 11.73 -35.03 12.48
CA GLY F 67 11.53 -34.26 13.70
C GLY F 67 11.51 -35.13 14.92
N SER F 68 11.46 -34.45 16.07
CA SER F 68 11.40 -35.09 17.37
C SER F 68 10.87 -34.06 18.38
N GLY F 69 10.80 -34.45 19.65
CA GLY F 69 10.27 -33.58 20.70
C GLY F 69 8.92 -33.02 20.33
N THR F 70 8.89 -31.72 20.09
CA THR F 70 7.66 -31.01 19.73
C THR F 70 7.62 -30.52 18.29
N ASP F 71 8.77 -30.50 17.60
CA ASP F 71 8.84 -29.96 16.25
C ASP F 71 8.98 -31.04 15.19
N PHE F 72 8.00 -31.11 14.28
CA PHE F 72 8.00 -32.10 13.19
C PHE F 72 7.73 -31.46 11.84
N THR F 73 8.31 -32.02 10.78
CA THR F 73 8.24 -31.43 9.44
C THR F 73 7.95 -32.45 8.38
N LEU F 74 7.19 -32.04 7.37
CA LEU F 74 7.03 -32.79 6.13
C LEU F 74 7.63 -31.95 5.00
N THR F 75 8.47 -32.57 4.17
CA THR F 75 9.03 -31.86 3.04
C THR F 75 8.65 -32.55 1.75
N ILE F 76 8.12 -31.78 0.80
CA ILE F 76 7.94 -32.27 -0.55
C ILE F 76 9.02 -31.67 -1.42
N SER F 77 9.96 -32.49 -1.88
CA SER F 77 11.19 -31.98 -2.49
C SER F 77 10.92 -31.18 -3.77
N ARG F 78 10.08 -31.72 -4.65
CA ARG F 78 9.70 -31.04 -5.89
C ARG F 78 8.22 -31.29 -6.18
N LEU F 79 7.39 -30.27 -5.91
CA LEU F 79 5.92 -30.33 -6.04
C LEU F 79 5.45 -30.71 -7.44
N GLU F 80 4.64 -31.77 -7.53
CA GLU F 80 3.88 -32.07 -8.76
C GLU F 80 2.44 -31.63 -8.54
N PRO F 81 1.66 -31.46 -9.63
CA PRO F 81 0.26 -31.03 -9.50
C PRO F 81 -0.55 -31.97 -8.59
N GLU F 82 -0.22 -33.25 -8.67
CA GLU F 82 -0.75 -34.30 -7.81
C GLU F 82 -0.74 -33.95 -6.32
N ASP F 83 0.28 -33.23 -5.87
CA ASP F 83 0.54 -33.00 -4.42
C ASP F 83 -0.21 -31.87 -3.74
N PHE F 84 -0.84 -31.02 -4.53
CA PHE F 84 -1.60 -29.91 -3.97
C PHE F 84 -2.91 -30.45 -3.41
N ALA F 85 -3.02 -30.35 -2.12
CA ALA F 85 -4.13 -30.86 -1.33
C ALA F 85 -4.03 -30.31 0.09
N VAL F 86 -4.74 -30.93 1.03
CA VAL F 86 -4.57 -30.53 2.43
C VAL F 86 -3.77 -31.60 3.17
N TYR F 87 -2.95 -31.19 4.12
CA TYR F 87 -2.06 -32.11 4.82
C TYR F 87 -2.22 -32.04 6.33
N TYR F 88 -2.34 -33.21 6.98
CA TYR F 88 -2.51 -33.30 8.43
C TYR F 88 -1.42 -34.13 9.07
N CYS F 89 -1.00 -33.74 10.26
CA CYS F 89 -0.14 -34.56 11.09
C CYS F 89 -1.01 -35.15 12.19
N GLN F 90 -0.64 -36.35 12.64
CA GLN F 90 -1.32 -37.03 13.74
C GLN F 90 -0.32 -37.58 14.72
N GLN F 91 -0.71 -37.56 16.00
CA GLN F 91 0.06 -38.23 17.05
C GLN F 91 -0.79 -39.38 17.57
N TYR F 92 -0.15 -40.52 17.79
CA TYR F 92 -0.84 -41.73 18.28
C TYR F 92 -0.03 -42.39 19.36
N GLY F 93 0.48 -41.58 20.28
CA GLY F 93 1.31 -42.04 21.40
C GLY F 93 0.54 -42.12 22.70
N SER F 94 0.06 -40.98 23.17
CA SER F 94 -0.86 -40.93 24.30
C SER F 94 -2.25 -41.18 23.72
N SER F 95 -3.26 -41.28 24.58
CA SER F 95 -4.60 -41.63 24.11
C SER F 95 -5.15 -40.56 23.19
N PRO F 96 -5.94 -39.60 23.71
CA PRO F 96 -6.78 -38.96 22.70
C PRO F 96 -5.93 -38.68 21.48
N ARG F 97 -6.10 -39.51 20.45
CA ARG F 97 -5.31 -39.41 19.22
C ARG F 97 -5.71 -38.11 18.58
N THR F 98 -4.77 -37.17 18.47
CA THR F 98 -5.10 -35.85 17.97
C THR F 98 -4.48 -35.64 16.61
N PHE F 99 -4.96 -34.65 15.90
CA PHE F 99 -4.44 -34.28 14.59
C PHE F 99 -4.09 -32.80 14.59
N GLY F 100 -3.28 -32.39 13.62
CA GLY F 100 -3.06 -30.97 13.34
C GLY F 100 -4.28 -30.34 12.71
N GLN F 101 -4.29 -29.02 12.58
CA GLN F 101 -5.46 -28.34 11.99
C GLN F 101 -5.44 -28.31 10.46
N GLY F 102 -4.46 -28.96 9.84
CA GLY F 102 -4.35 -29.03 8.39
C GLY F 102 -3.53 -27.88 7.85
N THR F 103 -2.80 -28.16 6.77
CA THR F 103 -2.15 -27.15 5.94
C THR F 103 -2.58 -27.39 4.48
N LYS F 104 -3.20 -26.42 3.87
CA LYS F 104 -3.52 -26.50 2.45
C LYS F 104 -2.32 -26.05 1.66
N VAL F 105 -1.76 -26.96 0.87
CA VAL F 105 -0.74 -26.62 -0.11
C VAL F 105 -1.48 -26.36 -1.40
N GLU F 106 -1.52 -25.11 -1.82
CA GLU F 106 -2.29 -24.71 -2.98
C GLU F 106 -1.40 -24.14 -4.08
N ILE F 107 -1.85 -24.26 -5.32
CA ILE F 107 -1.03 -23.86 -6.46
C ILE F 107 -0.96 -22.35 -6.56
N LYS F 108 0.27 -21.82 -6.52
CA LYS F 108 0.51 -20.39 -6.70
C LYS F 108 0.69 -20.05 -8.17
N ARG F 109 -0.16 -19.15 -8.65
CA ARG F 109 -0.10 -18.75 -10.03
C ARG F 109 -0.14 -17.24 -10.07
N THR F 110 0.11 -16.69 -11.24
CA THR F 110 0.17 -15.24 -11.39
C THR F 110 -1.13 -14.55 -10.92
N VAL F 111 -1.01 -13.39 -10.29
CA VAL F 111 -2.19 -12.69 -9.79
C VAL F 111 -3.11 -12.38 -10.96
N ALA F 112 -4.41 -12.56 -10.72
CA ALA F 112 -5.43 -12.38 -11.74
C ALA F 112 -6.68 -11.72 -11.13
N ALA F 113 -6.97 -10.50 -11.57
CA ALA F 113 -8.16 -9.78 -11.11
C ALA F 113 -9.43 -10.48 -11.56
N PRO F 114 -10.49 -10.43 -10.73
CA PRO F 114 -11.78 -11.04 -11.06
C PRO F 114 -12.59 -10.22 -12.06
N SER F 115 -13.39 -10.93 -12.87
CA SER F 115 -14.49 -10.31 -13.58
C SER F 115 -15.67 -10.29 -12.63
N VAL F 116 -16.31 -9.13 -12.52
CA VAL F 116 -17.46 -8.97 -11.63
C VAL F 116 -18.71 -8.86 -12.48
N PHE F 117 -19.72 -9.67 -12.15
CA PHE F 117 -21.05 -9.54 -12.74
C PHE F 117 -22.07 -9.49 -11.63
N ILE F 118 -23.22 -8.91 -11.95
CA ILE F 118 -24.29 -8.74 -10.97
C ILE F 118 -25.62 -9.16 -11.60
N PHE F 119 -26.43 -9.89 -10.83
CA PHE F 119 -27.68 -10.44 -11.31
C PHE F 119 -28.84 -10.00 -10.42
N PRO F 120 -29.89 -9.44 -11.05
CA PRO F 120 -31.01 -8.92 -10.28
C PRO F 120 -31.86 -10.06 -9.74
N PRO F 121 -32.89 -9.74 -8.95
CA PRO F 121 -33.80 -10.77 -8.49
C PRO F 121 -34.84 -11.09 -9.55
N SER F 122 -35.34 -12.33 -9.56
CA SER F 122 -36.37 -12.71 -10.52
C SER F 122 -37.72 -12.15 -10.12
N ASP F 123 -38.60 -11.96 -11.10
CA ASP F 123 -40.00 -11.63 -10.82
C ASP F 123 -40.67 -12.79 -10.07
N GLU F 124 -40.19 -14.01 -10.33
CA GLU F 124 -40.75 -15.21 -9.70
C GLU F 124 -40.47 -15.27 -8.20
N GLN F 125 -39.24 -14.94 -7.79
CA GLN F 125 -38.96 -14.81 -6.36
C GLN F 125 -39.67 -13.58 -5.82
N LEU F 126 -39.62 -12.46 -6.56
CA LEU F 126 -40.29 -11.23 -6.11
C LEU F 126 -41.75 -11.48 -5.79
N LYS F 127 -42.44 -12.21 -6.67
CA LYS F 127 -43.83 -12.60 -6.45
C LYS F 127 -44.00 -13.46 -5.20
N SER F 128 -42.93 -14.15 -4.79
CA SER F 128 -42.96 -14.91 -3.54
C SER F 128 -42.70 -14.04 -2.30
N GLY F 129 -42.16 -12.83 -2.50
CA GLY F 129 -42.00 -11.85 -1.39
C GLY F 129 -40.60 -11.67 -0.84
N THR F 130 -39.59 -12.08 -1.61
CA THR F 130 -38.18 -11.94 -1.24
C THR F 130 -37.41 -11.45 -2.45
N ALA F 131 -36.26 -10.82 -2.25
CA ALA F 131 -35.43 -10.35 -3.35
C ALA F 131 -33.97 -10.77 -3.14
N SER F 132 -33.45 -11.60 -4.04
CA SER F 132 -32.04 -12.00 -4.01
C SER F 132 -31.25 -11.37 -5.15
N VAL F 133 -30.16 -10.71 -4.82
CA VAL F 133 -29.24 -10.21 -5.82
C VAL F 133 -27.96 -11.02 -5.70
N VAL F 134 -27.50 -11.56 -6.82
CA VAL F 134 -26.31 -12.39 -6.84
C VAL F 134 -25.15 -11.57 -7.37
N CYS F 135 -23.96 -11.79 -6.82
CA CYS F 135 -22.73 -11.23 -7.37
C CYS F 135 -21.79 -12.36 -7.72
N LEU F 136 -21.16 -12.24 -8.89
CA LEU F 136 -20.34 -13.29 -9.46
C LEU F 136 -18.92 -12.79 -9.65
N LEU F 137 -17.96 -13.39 -8.96
CA LEU F 137 -16.55 -13.08 -9.23
C LEU F 137 -15.95 -14.25 -10.00
N ASN F 138 -15.59 -13.99 -11.25
CA ASN F 138 -15.14 -15.02 -12.18
C ASN F 138 -13.63 -15.11 -12.34
N ASN F 139 -13.10 -16.28 -12.04
CA ASN F 139 -11.74 -16.64 -12.41
C ASN F 139 -10.68 -15.66 -11.89
N PHE F 140 -10.49 -15.63 -10.58
CA PHE F 140 -9.50 -14.74 -9.94
C PHE F 140 -8.48 -15.50 -9.11
N TYR F 141 -7.32 -14.88 -8.94
CA TYR F 141 -6.31 -15.38 -8.02
C TYR F 141 -5.53 -14.18 -7.49
N PRO F 142 -5.05 -14.24 -6.23
CA PRO F 142 -5.29 -15.19 -5.16
C PRO F 142 -6.73 -15.25 -4.69
N ARG F 143 -6.99 -16.13 -3.73
CA ARG F 143 -8.33 -16.42 -3.26
C ARG F 143 -8.96 -15.30 -2.45
N GLU F 144 -8.14 -14.40 -1.93
CA GLU F 144 -8.62 -13.35 -1.05
C GLU F 144 -9.33 -12.26 -1.87
N ALA F 145 -10.63 -12.16 -1.68
CA ALA F 145 -11.46 -11.15 -2.34
C ALA F 145 -12.43 -10.59 -1.32
N LYS F 146 -12.58 -9.28 -1.32
CA LYS F 146 -13.53 -8.64 -0.43
C LYS F 146 -14.69 -8.22 -1.29
N VAL F 147 -15.88 -8.68 -0.94
CA VAL F 147 -17.08 -8.39 -1.72
C VAL F 147 -18.10 -7.68 -0.84
N GLN F 148 -18.27 -6.37 -1.03
CA GLN F 148 -19.23 -5.61 -0.24
C GLN F 148 -20.48 -5.26 -1.04
N TRP F 149 -21.64 -5.40 -0.41
CA TRP F 149 -22.92 -5.02 -0.99
C TRP F 149 -23.32 -3.64 -0.46
N LYS F 150 -23.62 -2.72 -1.37
CA LYS F 150 -24.07 -1.39 -0.98
C LYS F 150 -25.45 -1.17 -1.57
N VAL F 151 -26.41 -0.83 -0.72
CA VAL F 151 -27.75 -0.51 -1.17
C VAL F 151 -28.02 0.96 -0.93
N ASP F 152 -28.01 1.74 -2.01
CA ASP F 152 -28.03 3.19 -1.94
C ASP F 152 -26.88 3.71 -1.11
N ASN F 153 -25.71 3.12 -1.28
CA ASN F 153 -24.50 3.43 -0.53
C ASN F 153 -24.43 3.00 0.92
N ALA F 154 -25.51 2.48 1.48
CA ALA F 154 -25.49 1.96 2.83
C ALA F 154 -24.80 0.60 2.80
N LEU F 155 -23.64 0.52 3.43
CA LEU F 155 -22.86 -0.71 3.47
C LEU F 155 -23.66 -1.80 4.18
N GLN F 156 -23.98 -2.87 3.45
CA GLN F 156 -24.83 -3.95 3.99
C GLN F 156 -24.09 -4.90 4.91
N SER F 157 -24.82 -5.69 5.69
CA SER F 157 -24.18 -6.64 6.62
C SER F 157 -25.14 -7.64 7.29
N GLY F 158 -24.73 -8.90 7.30
CA GLY F 158 -25.49 -9.98 7.90
C GLY F 158 -26.63 -10.53 7.05
N ASN F 159 -26.84 -9.92 5.89
CA ASN F 159 -27.96 -10.26 5.02
C ASN F 159 -27.52 -10.93 3.71
N SER F 160 -26.27 -11.36 3.66
CA SER F 160 -25.73 -12.01 2.46
C SER F 160 -24.84 -13.19 2.80
N GLN F 161 -24.80 -14.15 1.89
CA GLN F 161 -23.88 -15.28 1.97
C GLN F 161 -23.19 -15.49 0.66
N GLU F 162 -21.98 -16.05 0.73
CA GLU F 162 -21.21 -16.35 -0.46
C GLU F 162 -20.63 -17.74 -0.33
N SER F 163 -20.15 -18.25 -1.46
CA SER F 163 -19.41 -19.50 -1.48
C SER F 163 -18.37 -19.39 -2.57
N VAL F 164 -17.25 -20.09 -2.36
CA VAL F 164 -16.12 -20.02 -3.25
C VAL F 164 -15.87 -21.40 -3.82
N THR F 165 -15.46 -21.46 -5.08
CA THR F 165 -15.05 -22.71 -5.71
C THR F 165 -13.76 -23.22 -5.12
N GLU F 166 -13.48 -24.49 -5.37
CA GLU F 166 -12.13 -24.98 -5.20
C GLU F 166 -11.31 -24.52 -6.41
N GLN F 167 -10.01 -24.32 -6.19
CA GLN F 167 -9.10 -23.90 -7.24
C GLN F 167 -9.31 -24.73 -8.52
N ASP F 168 -9.57 -24.04 -9.63
CA ASP F 168 -9.89 -24.67 -10.93
C ASP F 168 -8.71 -25.49 -11.44
N SER F 169 -9.02 -26.70 -11.90
CA SER F 169 -7.99 -27.68 -12.25
C SER F 169 -7.18 -27.30 -13.50
N LYS F 170 -7.74 -26.46 -14.38
CA LYS F 170 -7.07 -26.08 -15.62
C LYS F 170 -6.24 -24.81 -15.49
N ASP F 171 -6.80 -23.76 -14.90
CA ASP F 171 -6.10 -22.48 -14.82
C ASP F 171 -5.75 -22.06 -13.38
N SER F 172 -6.02 -22.92 -12.41
CA SER F 172 -5.69 -22.64 -11.01
C SER F 172 -6.18 -21.26 -10.56
N THR F 173 -7.45 -20.95 -10.84
CA THR F 173 -8.09 -19.74 -10.29
C THR F 173 -9.33 -20.13 -9.53
N TYR F 174 -9.82 -19.18 -8.72
CA TYR F 174 -11.04 -19.33 -7.91
C TYR F 174 -12.17 -18.51 -8.53
N SER F 175 -13.40 -18.91 -8.23
CA SER F 175 -14.60 -18.10 -8.53
C SER F 175 -15.49 -17.97 -7.29
N LEU F 176 -16.28 -16.90 -7.22
CA LEU F 176 -17.08 -16.60 -6.03
C LEU F 176 -18.47 -16.12 -6.38
N SER F 177 -19.43 -16.48 -5.52
CA SER F 177 -20.84 -16.19 -5.73
C SER F 177 -21.45 -15.68 -4.45
N SER F 178 -21.68 -14.37 -4.39
CA SER F 178 -22.31 -13.74 -3.23
C SER F 178 -23.77 -13.43 -3.49
N THR F 179 -24.64 -13.76 -2.52
CA THR F 179 -26.08 -13.44 -2.62
C THR F 179 -26.53 -12.56 -1.46
N LEU F 180 -26.93 -11.34 -1.79
CA LEU F 180 -27.64 -10.45 -0.87
C LEU F 180 -29.12 -10.81 -0.97
N THR F 181 -29.77 -11.08 0.17
CA THR F 181 -31.21 -11.38 0.20
C THR F 181 -31.91 -10.43 1.17
N LEU F 182 -33.01 -9.84 0.70
CA LEU F 182 -33.82 -8.89 1.46
C LEU F 182 -35.29 -9.23 1.29
N SER F 183 -36.12 -8.73 2.20
CA SER F 183 -37.56 -8.80 2.03
C SER F 183 -37.95 -7.88 0.88
N LYS F 184 -38.98 -8.27 0.13
CA LYS F 184 -39.44 -7.46 -1.00
C LYS F 184 -39.79 -6.05 -0.52
N ALA F 185 -40.36 -5.93 0.68
CA ALA F 185 -40.68 -4.64 1.28
C ALA F 185 -39.41 -3.79 1.51
N ASP F 186 -38.31 -4.43 1.89
CA ASP F 186 -37.01 -3.75 1.98
C ASP F 186 -36.46 -3.40 0.60
N TYR F 187 -36.37 -4.42 -0.26
CA TYR F 187 -35.87 -4.26 -1.62
C TYR F 187 -36.50 -3.06 -2.30
N GLU F 188 -37.83 -3.05 -2.37
CA GLU F 188 -38.54 -2.04 -3.16
C GLU F 188 -38.52 -0.66 -2.51
N LYS F 189 -38.27 -0.61 -1.20
CA LYS F 189 -38.14 0.66 -0.50
C LYS F 189 -36.86 1.41 -0.91
N HIS F 190 -35.83 0.67 -1.34
CA HIS F 190 -34.57 1.29 -1.77
C HIS F 190 -34.35 1.16 -3.29
N LYS F 191 -33.34 1.87 -3.81
CA LYS F 191 -33.20 2.17 -5.24
C LYS F 191 -32.03 1.49 -5.94
N VAL F 192 -30.80 1.84 -5.56
CA VAL F 192 -29.60 1.31 -6.23
C VAL F 192 -28.94 0.16 -5.48
N TYR F 193 -28.71 -0.95 -6.19
CA TYR F 193 -28.00 -2.11 -5.65
C TYR F 193 -26.64 -2.19 -6.33
N ALA F 194 -25.58 -2.26 -5.51
CA ALA F 194 -24.20 -2.33 -6.00
C ALA F 194 -23.40 -3.40 -5.26
N CYS F 195 -22.58 -4.13 -6.03
CA CYS F 195 -21.62 -5.12 -5.52
C CYS F 195 -20.20 -4.55 -5.67
N GLU F 196 -19.50 -4.32 -4.54
CA GLU F 196 -18.18 -3.69 -4.55
C GLU F 196 -17.06 -4.70 -4.27
N VAL F 197 -16.54 -5.32 -5.33
CA VAL F 197 -15.42 -6.25 -5.21
C VAL F 197 -14.10 -5.50 -5.09
N THR F 198 -13.22 -6.01 -4.24
CA THR F 198 -11.89 -5.46 -4.05
C THR F 198 -10.89 -6.62 -3.95
N HIS F 199 -9.82 -6.54 -4.75
CA HIS F 199 -8.87 -7.66 -4.93
C HIS F 199 -7.46 -7.22 -5.33
N GLN F 200 -6.50 -8.02 -4.89
CA GLN F 200 -5.08 -7.82 -5.19
C GLN F 200 -4.79 -7.42 -6.64
N GLY F 201 -5.42 -8.13 -7.58
CA GLY F 201 -5.18 -7.90 -9.00
C GLY F 201 -5.94 -6.72 -9.59
N LEU F 202 -6.80 -6.08 -8.79
CA LEU F 202 -7.50 -4.87 -9.20
C LEU F 202 -6.73 -3.63 -8.74
N SER F 203 -6.60 -2.66 -9.65
CA SER F 203 -5.98 -1.36 -9.36
C SER F 203 -6.68 -0.67 -8.19
N SER F 204 -8.00 -0.60 -8.31
CA SER F 204 -8.86 -0.13 -7.22
C SER F 204 -10.09 -1.04 -7.17
N PRO F 205 -10.94 -0.87 -6.15
CA PRO F 205 -12.13 -1.73 -6.06
C PRO F 205 -13.09 -1.54 -7.23
N VAL F 206 -13.62 -2.64 -7.77
CA VAL F 206 -14.60 -2.57 -8.87
C VAL F 206 -16.03 -2.67 -8.31
N THR F 207 -16.93 -1.85 -8.85
CA THR F 207 -18.33 -1.84 -8.46
C THR F 207 -19.24 -2.09 -9.65
N LYS F 208 -19.99 -3.18 -9.60
CA LYS F 208 -21.09 -3.43 -10.53
C LYS F 208 -22.38 -3.11 -9.81
N SER F 209 -23.29 -2.42 -10.50
CA SER F 209 -24.52 -1.94 -9.88
C SER F 209 -25.66 -1.83 -10.88
N PHE F 210 -26.87 -1.71 -10.34
CA PHE F 210 -28.07 -1.43 -11.13
C PHE F 210 -29.05 -0.60 -10.33
N ASN F 211 -30.13 -0.19 -11.01
CA ASN F 211 -31.24 0.50 -10.38
C ASN F 211 -32.49 -0.35 -10.61
N ARG F 212 -33.16 -0.78 -9.55
CA ARG F 212 -34.41 -1.53 -9.73
C ARG F 212 -35.41 -0.71 -10.54
N GLY F 213 -36.32 -1.39 -11.23
CA GLY F 213 -37.25 -0.71 -12.14
C GLY F 213 -36.66 -0.60 -13.53
N GLU F 214 -35.40 -0.15 -13.59
CA GLU F 214 -34.61 -0.26 -14.81
C GLU F 214 -34.19 -1.72 -15.03
N CYS F 215 -34.26 -2.53 -13.98
CA CYS F 215 -34.24 -3.98 -14.10
C CYS F 215 -35.58 -4.56 -13.64
NI NI G . -12.97 5.69 -30.32
NI NI H . 10.91 30.22 -26.75
NI NI I . 32.39 51.48 -6.67
NI NI J . -3.80 -56.53 23.06
NI NI K . -24.90 -27.66 18.45
NI NI L . -33.29 3.08 4.01
#